data_5XSX
#
_entry.id   5XSX
#
_cell.length_a   75.932
_cell.length_b   145.196
_cell.length_c   152.733
_cell.angle_alpha   90.00
_cell.angle_beta   90.00
_cell.angle_gamma   90.00
#
_symmetry.space_group_name_H-M   'P 21 21 21'
#
loop_
_entity.id
_entity.type
_entity.pdbx_description
1 polymer Chitinase
2 branched 2-acetamido-2-deoxy-beta-D-glucopyranose-(1-4)-2-acetamido-2-deoxy-beta-D-glucopyranose-(1-4)-2-acetamido-2-deoxy-beta-D-glucopyranose-(1-4)-2-acetamido-2-deoxy-beta-D-glucopyranose-(1-4)-2-acetamido-2-deoxy-beta-D-glucopyranose
3 non-polymer GLYCEROL
4 non-polymer 'PHOSPHATE ION'
5 water water
#
_entity_poly.entity_id   1
_entity_poly.type   'polypeptide(L)'
_entity_poly.pdbx_seq_one_letter_code
;MAYRIVSETGDKITVELTLANKNTHYVWNGWCFDIKNITFETTGKVLSIKYADGGEPVYNVNGNLVTIDLTWRGIFHLNT
TVKIIIEIQKSGDNPYPHNFKIHYLRGESIIYPTIGELPASWKPGNFTLSDLIADPKSYYDPHVKPHQNGFIMYNPPHPT
QIIIGLADIDYPLNLASSARMWVPNKYFAMGLALAYEWFKVNPNFLMALAAKENWGTAVTKDPAFKGYKVIIDEEEYYWP
VQIDHPDGIFQVESGNFNQIKAYYPDIFPDTADHDDYMKVSLDPNDTAWITSPIVAAVSLTMERELLYAAVGDKYNEFLR
LAKDPWAETEIIDFGYNRGVGAIEALKIFSDNWEKAINAEVLWKEFNMEGFGGHVPTVINITATMDMETERIYDANLTWD
DIEYFFTVVRQKFFRPGAISDEEWNAMMRDVKRAYDLLSQHWGGDHISYRYDFLTILRVAMKHWPEPHIPRPTGDDWYYH
ARNYNP
;
_entity_poly.pdbx_strand_id   A,B
#
loop_
_chem_comp.id
_chem_comp.type
_chem_comp.name
_chem_comp.formula
GOL non-polymer GLYCEROL 'C3 H8 O3'
NAG D-saccharide, beta linking 2-acetamido-2-deoxy-beta-D-glucopyranose 'C8 H15 N O6'
PO4 non-polymer 'PHOSPHATE ION' 'O4 P -3'
#
# COMPACT_ATOMS: atom_id res chain seq x y z
N ALA A 2 -49.66 -29.37 21.44
CA ALA A 2 -50.89 -30.08 21.16
C ALA A 2 -51.29 -31.00 22.32
N TYR A 3 -52.56 -30.96 22.71
CA TYR A 3 -53.05 -31.82 23.77
C TYR A 3 -54.34 -32.55 23.36
N ARG A 4 -54.57 -33.71 23.97
CA ARG A 4 -55.68 -34.58 23.59
C ARG A 4 -56.12 -35.43 24.78
N ILE A 5 -57.43 -35.63 24.92
CA ILE A 5 -57.97 -36.46 25.98
C ILE A 5 -57.74 -37.95 25.69
N VAL A 6 -56.96 -38.60 26.52
CA VAL A 6 -56.71 -40.03 26.37
C VAL A 6 -57.88 -40.84 26.93
N SER A 7 -58.17 -40.63 28.20
CA SER A 7 -59.26 -41.35 28.86
C SER A 7 -59.98 -40.47 29.88
N GLU A 8 -61.30 -40.45 29.77
CA GLU A 8 -62.17 -39.77 30.74
C GLU A 8 -63.14 -40.78 31.32
N THR A 9 -62.98 -41.08 32.61
CA THR A 9 -63.79 -42.10 33.27
C THR A 9 -63.88 -41.87 34.77
N GLY A 10 -65.09 -41.58 35.25
CA GLY A 10 -65.33 -41.41 36.67
C GLY A 10 -64.73 -40.15 37.24
N ASP A 11 -63.64 -40.30 37.97
CA ASP A 11 -62.97 -39.18 38.62
C ASP A 11 -61.53 -39.03 38.15
N LYS A 12 -61.21 -39.62 37.01
CA LYS A 12 -59.85 -39.59 36.48
C LYS A 12 -59.81 -39.09 35.05
N ILE A 13 -58.96 -38.09 34.80
CA ILE A 13 -58.77 -37.54 33.47
C ILE A 13 -57.33 -37.79 33.02
N THR A 14 -57.18 -38.21 31.76
CA THR A 14 -55.85 -38.46 31.21
C THR A 14 -55.66 -37.70 29.89
N VAL A 15 -54.71 -36.78 29.89
CA VAL A 15 -54.43 -35.95 28.72
C VAL A 15 -53.03 -36.21 28.18
N GLU A 16 -52.91 -36.35 26.86
CA GLU A 16 -51.60 -36.55 26.23
C GLU A 16 -51.10 -35.26 25.58
N LEU A 17 -50.09 -34.66 26.20
CA LEU A 17 -49.47 -33.46 25.66
C LEU A 17 -48.34 -33.80 24.70
N THR A 18 -48.49 -33.42 23.44
CA THR A 18 -47.47 -33.70 22.43
C THR A 18 -46.65 -32.45 22.11
N LEU A 19 -45.36 -32.54 22.39
CA LEU A 19 -44.41 -31.49 22.03
C LEU A 19 -43.52 -31.98 20.90
N ALA A 20 -43.18 -31.09 19.97
CA ALA A 20 -42.37 -31.49 18.83
C ALA A 20 -41.72 -30.32 18.11
N ASN A 21 -40.68 -30.63 17.35
CA ASN A 21 -40.13 -29.72 16.37
C ASN A 21 -40.49 -30.27 15.00
N LYS A 22 -41.58 -29.76 14.43
CA LYS A 22 -42.13 -30.30 13.19
C LYS A 22 -41.21 -30.10 12.00
N ASN A 23 -40.32 -29.11 12.10
CA ASN A 23 -39.40 -28.79 11.01
C ASN A 23 -38.49 -29.95 10.64
N THR A 24 -38.54 -30.34 9.37
CA THR A 24 -37.70 -31.42 8.87
C THR A 24 -36.37 -30.85 8.37
N HIS A 25 -36.44 -29.68 7.75
CA HIS A 25 -35.25 -28.96 7.31
C HIS A 25 -35.08 -27.69 8.15
N TYR A 26 -34.06 -26.91 7.84
CA TYR A 26 -33.79 -25.69 8.61
C TYR A 26 -34.81 -24.59 8.35
N VAL A 27 -35.31 -23.99 9.42
CA VAL A 27 -36.09 -22.76 9.33
C VAL A 27 -35.57 -21.78 10.37
N TRP A 28 -35.84 -20.50 10.16
CA TRP A 28 -35.34 -19.45 11.03
C TRP A 28 -35.84 -19.60 12.47
N ASN A 29 -34.89 -19.59 13.41
CA ASN A 29 -35.18 -19.68 14.84
C ASN A 29 -35.98 -20.93 15.20
N GLY A 30 -35.85 -21.97 14.37
CA GLY A 30 -36.57 -23.21 14.58
C GLY A 30 -35.72 -24.43 14.29
N TRP A 31 -34.41 -24.24 14.28
CA TRP A 31 -33.48 -25.34 14.08
C TRP A 31 -33.42 -26.22 15.33
N CYS A 32 -33.69 -25.61 16.47
CA CYS A 32 -33.72 -26.32 17.74
C CYS A 32 -34.50 -25.53 18.78
N PHE A 33 -35.12 -26.23 19.71
CA PHE A 33 -35.87 -25.59 20.79
C PHE A 33 -35.40 -26.12 22.14
N ASP A 34 -34.96 -25.22 23.00
CA ASP A 34 -34.55 -25.58 24.35
C ASP A 34 -35.59 -25.14 25.36
N ILE A 35 -36.31 -26.11 25.93
CA ILE A 35 -37.39 -25.81 26.85
C ILE A 35 -36.94 -25.79 28.31
N LYS A 36 -37.10 -24.64 28.94
CA LYS A 36 -36.83 -24.50 30.36
C LYS A 36 -37.79 -25.37 31.16
N ASN A 37 -39.07 -25.04 31.09
CA ASN A 37 -40.11 -25.84 31.74
C ASN A 37 -41.46 -25.69 31.07
N ILE A 38 -42.39 -26.58 31.40
CA ILE A 38 -43.76 -26.51 30.88
C ILE A 38 -44.74 -26.32 32.03
N THR A 39 -45.69 -25.40 31.84
CA THR A 39 -46.67 -25.13 32.88
C THR A 39 -48.10 -25.29 32.38
N PHE A 40 -48.92 -26.01 33.16
CA PHE A 40 -50.34 -26.10 32.89
C PHE A 40 -51.12 -25.93 34.19
N GLU A 41 -52.43 -25.87 34.09
CA GLU A 41 -53.27 -25.62 35.27
C GLU A 41 -54.35 -26.68 35.47
N THR A 42 -54.59 -27.02 36.72
CA THR A 42 -55.65 -27.95 37.10
C THR A 42 -55.93 -27.82 38.60
N THR A 43 -57.20 -27.95 38.98
CA THR A 43 -57.59 -27.91 40.38
C THR A 43 -57.55 -29.31 40.96
N GLY A 44 -57.59 -30.31 40.09
CA GLY A 44 -57.49 -31.70 40.51
C GLY A 44 -56.07 -32.05 40.91
N LYS A 45 -55.91 -33.13 41.65
CA LYS A 45 -54.59 -33.55 42.11
C LYS A 45 -53.94 -34.48 41.09
N VAL A 46 -52.63 -34.31 40.92
CA VAL A 46 -51.88 -35.06 39.92
C VAL A 46 -51.54 -36.46 40.40
N LEU A 47 -52.00 -37.47 39.67
CA LEU A 47 -51.73 -38.85 40.01
C LEU A 47 -50.37 -39.29 39.49
N SER A 48 -50.17 -39.15 38.18
CA SER A 48 -48.91 -39.54 37.55
C SER A 48 -48.67 -38.78 36.26
N ILE A 49 -47.40 -38.45 36.00
CA ILE A 49 -47.00 -37.82 34.76
C ILE A 49 -45.88 -38.61 34.11
N LYS A 50 -46.18 -39.28 33.00
CA LYS A 50 -45.23 -40.18 32.36
C LYS A 50 -45.05 -39.87 30.87
N TYR A 51 -43.87 -40.19 30.35
CA TYR A 51 -43.65 -40.13 28.91
C TYR A 51 -44.38 -41.27 28.23
N ALA A 52 -44.73 -41.08 26.96
CA ALA A 52 -45.45 -42.09 26.22
C ALA A 52 -44.56 -43.27 25.83
N ASP A 53 -43.29 -42.97 25.56
CA ASP A 53 -42.34 -43.99 25.13
C ASP A 53 -41.66 -44.68 26.30
N GLY A 54 -41.96 -44.23 27.52
CA GLY A 54 -41.37 -44.81 28.71
C GLY A 54 -40.66 -43.79 29.58
N GLY A 55 -40.55 -44.09 30.87
CA GLY A 55 -39.93 -43.16 31.80
C GLY A 55 -40.90 -42.07 32.22
N GLU A 56 -40.39 -41.07 32.93
CA GLU A 56 -41.23 -39.96 33.38
C GLU A 56 -40.39 -38.72 33.70
N PRO A 57 -40.96 -37.53 33.47
CA PRO A 57 -40.26 -36.27 33.76
C PRO A 57 -40.46 -35.80 35.20
N VAL A 58 -39.63 -34.86 35.63
CA VAL A 58 -39.80 -34.23 36.93
C VAL A 58 -40.92 -33.21 36.85
N TYR A 59 -41.84 -33.25 37.81
CA TYR A 59 -42.92 -32.26 37.84
C TYR A 59 -43.08 -31.66 39.23
N ASN A 60 -43.50 -30.40 39.28
CA ASN A 60 -43.69 -29.69 40.53
C ASN A 60 -45.08 -29.04 40.58
N VAL A 61 -45.77 -29.23 41.69
CA VAL A 61 -47.11 -28.68 41.84
C VAL A 61 -47.16 -27.52 42.82
N ASN A 62 -47.65 -26.38 42.35
CA ASN A 62 -47.81 -25.20 43.20
C ASN A 62 -49.24 -24.68 43.12
N GLY A 63 -50.16 -25.36 43.79
CA GLY A 63 -51.56 -25.01 43.73
C GLY A 63 -52.16 -25.44 42.40
N ASN A 64 -52.81 -24.50 41.72
CA ASN A 64 -53.34 -24.76 40.39
C ASN A 64 -52.24 -24.93 39.37
N LEU A 65 -51.11 -24.26 39.61
CA LEU A 65 -49.98 -24.29 38.69
C LEU A 65 -49.15 -25.55 38.83
N VAL A 66 -48.83 -26.18 37.71
CA VAL A 66 -47.98 -27.37 37.69
C VAL A 66 -46.82 -27.19 36.71
N THR A 67 -45.60 -27.31 37.20
CA THR A 67 -44.42 -27.12 36.36
C THR A 67 -43.74 -28.45 36.02
N ILE A 68 -43.76 -28.80 34.74
CA ILE A 68 -43.11 -30.02 34.27
C ILE A 68 -41.68 -29.74 33.83
N ASP A 69 -40.76 -30.60 34.25
CA ASP A 69 -39.34 -30.46 33.88
C ASP A 69 -38.92 -31.61 33.00
N LEU A 70 -38.52 -31.30 31.77
CA LEU A 70 -38.14 -32.30 30.79
C LEU A 70 -36.73 -32.82 31.03
N THR A 71 -36.01 -32.17 31.95
CA THR A 71 -34.63 -32.53 32.30
C THR A 71 -33.74 -32.69 31.07
N TRP A 72 -33.28 -33.92 30.85
CA TRP A 72 -32.35 -34.20 29.75
C TRP A 72 -33.07 -34.39 28.43
N ARG A 73 -34.38 -34.18 28.41
CA ARG A 73 -35.17 -34.30 27.19
C ARG A 73 -35.73 -32.96 26.75
N GLY A 74 -35.25 -31.88 27.36
CA GLY A 74 -35.75 -30.54 27.07
C GLY A 74 -35.21 -29.95 25.78
N ILE A 75 -34.35 -30.70 25.11
CA ILE A 75 -33.76 -30.25 23.84
C ILE A 75 -34.52 -30.83 22.66
N PHE A 76 -34.96 -29.96 21.76
CA PHE A 76 -35.76 -30.39 20.62
C PHE A 76 -35.14 -29.97 19.29
N HIS A 77 -34.34 -30.86 18.70
CA HIS A 77 -33.78 -30.62 17.38
C HIS A 77 -34.82 -30.92 16.31
N LEU A 78 -34.43 -30.75 15.04
CA LEU A 78 -35.32 -30.98 13.92
C LEU A 78 -35.91 -32.39 13.94
N ASN A 79 -37.20 -32.49 13.65
CA ASN A 79 -37.90 -33.77 13.60
C ASN A 79 -37.75 -34.55 14.91
N THR A 80 -38.25 -33.96 16.00
CA THR A 80 -38.13 -34.58 17.32
C THR A 80 -39.40 -34.36 18.14
N THR A 81 -40.08 -35.44 18.47
CA THR A 81 -41.35 -35.37 19.17
C THR A 81 -41.31 -36.03 20.56
N VAL A 82 -41.87 -35.36 21.55
CA VAL A 82 -41.99 -35.91 22.89
C VAL A 82 -43.44 -35.80 23.38
N LYS A 83 -44.04 -36.93 23.70
CA LYS A 83 -45.42 -36.97 24.17
C LYS A 83 -45.50 -37.24 25.67
N ILE A 84 -46.24 -36.39 26.38
CA ILE A 84 -46.36 -36.50 27.82
C ILE A 84 -47.79 -36.86 28.23
N ILE A 85 -47.93 -37.93 29.01
CA ILE A 85 -49.23 -38.38 29.47
C ILE A 85 -49.49 -37.95 30.91
N ILE A 86 -50.52 -37.13 31.10
CA ILE A 86 -50.84 -36.56 32.40
C ILE A 86 -52.10 -37.20 33.00
N GLU A 87 -51.98 -37.71 34.22
CA GLU A 87 -53.11 -38.33 34.91
C GLU A 87 -53.57 -37.50 36.09
N ILE A 88 -54.82 -37.05 36.05
CA ILE A 88 -55.37 -36.18 37.09
C ILE A 88 -56.57 -36.79 37.79
N GLN A 89 -56.58 -36.72 39.12
CA GLN A 89 -57.74 -37.09 39.91
C GLN A 89 -58.70 -35.91 39.98
N LYS A 90 -59.92 -36.08 39.46
CA LYS A 90 -60.88 -34.99 39.34
C LYS A 90 -61.18 -34.31 40.68
N SER A 91 -61.02 -33.01 40.72
CA SER A 91 -61.28 -32.21 41.91
C SER A 91 -61.38 -30.73 41.54
N GLY A 92 -62.19 -29.98 42.28
CA GLY A 92 -62.38 -28.56 42.01
C GLY A 92 -63.21 -28.31 40.78
N ASP A 93 -63.40 -27.04 40.45
CA ASP A 93 -64.22 -26.67 39.30
C ASP A 93 -63.45 -26.69 37.99
N ASN A 94 -62.15 -26.89 38.07
CA ASN A 94 -61.31 -26.92 36.88
C ASN A 94 -60.34 -28.10 36.88
N PRO A 95 -60.87 -29.33 36.67
CA PRO A 95 -60.06 -30.55 36.72
C PRO A 95 -59.18 -30.75 35.50
N TYR A 96 -59.70 -30.45 34.31
CA TYR A 96 -58.95 -30.66 33.06
C TYR A 96 -57.69 -29.80 32.99
N PRO A 97 -56.56 -30.43 32.63
CA PRO A 97 -55.32 -29.70 32.37
C PRO A 97 -55.50 -28.72 31.21
N HIS A 98 -55.23 -27.44 31.47
CA HIS A 98 -55.46 -26.40 30.48
C HIS A 98 -54.40 -25.31 30.57
N ASN A 99 -54.44 -24.39 29.61
CA ASN A 99 -53.52 -23.26 29.56
C ASN A 99 -52.06 -23.72 29.57
N PHE A 100 -51.71 -24.60 28.63
CA PHE A 100 -50.35 -25.09 28.51
C PHE A 100 -49.42 -24.00 28.01
N LYS A 101 -48.34 -23.77 28.73
CA LYS A 101 -47.38 -22.73 28.35
C LYS A 101 -45.96 -23.28 28.26
N ILE A 102 -45.42 -23.28 27.06
CA ILE A 102 -44.03 -23.71 26.84
C ILE A 102 -43.07 -22.57 27.13
N HIS A 103 -42.12 -22.80 28.02
CA HIS A 103 -41.14 -21.79 28.38
C HIS A 103 -39.76 -22.14 27.83
N TYR A 104 -39.31 -21.39 26.82
CA TYR A 104 -38.01 -21.62 26.22
C TYR A 104 -36.90 -21.26 27.19
N LEU A 105 -35.76 -21.93 27.08
CA LEU A 105 -34.59 -21.60 27.88
C LEU A 105 -33.99 -20.30 27.38
N ARG A 106 -34.64 -19.19 27.74
CA ARG A 106 -34.24 -17.87 27.26
C ARG A 106 -35.02 -16.84 28.05
N GLY A 107 -34.31 -15.83 28.57
CA GLY A 107 -34.92 -14.77 29.34
C GLY A 107 -36.03 -14.07 28.56
N GLU A 108 -37.28 -14.29 28.98
CA GLU A 108 -38.42 -13.70 28.29
C GLU A 108 -38.46 -12.19 28.48
N SER A 109 -37.88 -11.71 29.58
CA SER A 109 -37.94 -10.31 29.92
C SER A 109 -36.78 -9.51 29.31
N ILE A 110 -36.01 -10.13 28.43
CA ILE A 110 -34.89 -9.47 27.81
C ILE A 110 -35.39 -8.37 26.87
N ILE A 111 -34.69 -7.24 26.87
CA ILE A 111 -35.12 -6.11 26.07
C ILE A 111 -34.03 -5.64 25.11
N TYR A 112 -34.43 -5.36 23.87
CA TYR A 112 -33.53 -4.80 22.88
C TYR A 112 -34.10 -3.49 22.35
N PRO A 113 -33.52 -2.37 22.79
CA PRO A 113 -33.98 -1.02 22.45
C PRO A 113 -34.01 -0.74 20.96
N THR A 114 -35.19 -0.47 20.42
CA THR A 114 -35.32 -0.09 19.02
C THR A 114 -34.68 1.27 18.79
N ILE A 115 -33.58 1.28 18.05
CA ILE A 115 -32.84 2.51 17.78
C ILE A 115 -33.71 3.51 17.01
N GLY A 116 -34.40 3.01 15.99
CA GLY A 116 -35.29 3.83 15.18
C GLY A 116 -36.12 2.96 14.25
N GLU A 117 -37.10 3.59 13.60
CA GLU A 117 -37.97 2.87 12.68
C GLU A 117 -38.16 3.64 11.39
N LEU A 118 -38.34 2.91 10.30
CA LEU A 118 -38.73 3.51 9.04
C LEU A 118 -40.14 4.07 9.17
N PRO A 119 -40.45 5.17 8.46
CA PRO A 119 -41.80 5.73 8.44
C PRO A 119 -42.85 4.67 8.12
N ALA A 120 -44.01 4.76 8.76
CA ALA A 120 -45.06 3.76 8.62
C ALA A 120 -45.54 3.60 7.18
N SER A 121 -45.33 4.64 6.38
CA SER A 121 -45.76 4.63 4.99
C SER A 121 -44.84 3.79 4.10
N TRP A 122 -43.66 3.45 4.61
CA TRP A 122 -42.67 2.72 3.82
C TRP A 122 -43.18 1.35 3.41
N LYS A 123 -42.94 0.99 2.15
CA LYS A 123 -43.38 -0.28 1.61
C LYS A 123 -42.33 -0.83 0.65
N PRO A 124 -42.18 -2.16 0.59
CA PRO A 124 -41.26 -2.78 -0.36
C PRO A 124 -41.66 -2.50 -1.80
N GLY A 125 -40.70 -2.07 -2.62
CA GLY A 125 -40.98 -1.76 -4.01
C GLY A 125 -40.53 -0.36 -4.40
N ASN A 126 -41.50 0.53 -4.60
CA ASN A 126 -41.21 1.87 -5.05
C ASN A 126 -41.65 2.94 -4.05
N PHE A 127 -40.91 3.03 -2.95
CA PHE A 127 -41.17 4.02 -1.92
C PHE A 127 -40.61 5.38 -2.34
N THR A 128 -41.08 6.44 -1.67
CA THR A 128 -40.59 7.78 -1.94
C THR A 128 -39.48 8.17 -0.97
N LEU A 129 -38.95 9.37 -1.12
CA LEU A 129 -37.92 9.86 -0.22
C LEU A 129 -38.52 10.10 1.17
N SER A 130 -39.78 10.50 1.20
CA SER A 130 -40.49 10.75 2.45
C SER A 130 -40.75 9.44 3.20
N ASP A 131 -40.80 8.34 2.46
CA ASP A 131 -40.98 7.02 3.05
C ASP A 131 -39.71 6.57 3.78
N LEU A 132 -38.60 7.26 3.52
CA LEU A 132 -37.34 6.97 4.18
C LEU A 132 -37.10 7.93 5.33
N ILE A 133 -37.42 9.19 5.11
CA ILE A 133 -37.17 10.23 6.10
C ILE A 133 -38.46 10.80 6.68
N ALA A 134 -38.61 10.70 7.99
CA ALA A 134 -39.77 11.27 8.68
C ALA A 134 -39.76 12.78 8.56
N ASP A 135 -38.71 13.41 9.09
CA ASP A 135 -38.50 14.83 8.90
C ASP A 135 -37.05 15.11 8.52
N PRO A 136 -36.84 15.86 7.44
CA PRO A 136 -35.49 16.15 6.93
C PRO A 136 -34.64 16.97 7.90
N LYS A 137 -35.27 17.65 8.84
CA LYS A 137 -34.55 18.51 9.78
C LYS A 137 -33.69 17.72 10.75
N SER A 138 -34.32 16.83 11.52
CA SER A 138 -33.60 16.03 12.50
C SER A 138 -32.69 15.00 11.83
N TYR A 139 -33.12 14.51 10.67
CA TYR A 139 -32.39 13.50 9.93
C TYR A 139 -31.00 13.99 9.54
N TYR A 140 -30.92 15.19 8.98
CA TYR A 140 -29.66 15.77 8.56
C TYR A 140 -29.10 16.74 9.60
N ASP A 141 -29.66 16.71 10.80
CA ASP A 141 -29.23 17.61 11.87
C ASP A 141 -27.81 17.29 12.31
N PRO A 142 -26.88 18.24 12.11
CA PRO A 142 -25.47 18.05 12.45
C PRO A 142 -25.18 18.23 13.93
N HIS A 143 -26.15 18.76 14.68
CA HIS A 143 -25.98 18.97 16.12
C HIS A 143 -25.89 17.62 16.85
N VAL A 144 -25.00 17.55 17.83
CA VAL A 144 -24.76 16.31 18.54
C VAL A 144 -25.19 16.40 20.01
N LYS A 145 -25.97 15.41 20.46
CA LYS A 145 -26.40 15.33 21.84
C LYS A 145 -25.64 14.24 22.60
N PRO A 146 -24.93 14.63 23.67
CA PRO A 146 -24.16 13.70 24.50
C PRO A 146 -25.02 12.61 25.11
N HIS A 147 -24.42 11.47 25.42
CA HIS A 147 -25.13 10.35 26.04
C HIS A 147 -24.21 9.61 27.00
N GLN A 148 -24.76 8.60 27.67
CA GLN A 148 -24.02 7.85 28.67
C GLN A 148 -24.30 6.36 28.57
N ASN A 149 -24.58 5.89 27.36
CA ASN A 149 -24.88 4.48 27.12
C ASN A 149 -23.63 3.60 27.27
N GLY A 150 -23.81 2.39 27.77
CA GLY A 150 -22.71 1.48 27.95
C GLY A 150 -22.62 0.46 26.83
N PHE A 151 -22.88 -0.80 27.16
CA PHE A 151 -22.85 -1.87 26.17
C PHE A 151 -24.10 -1.84 25.29
N ILE A 152 -25.25 -1.65 25.91
CA ILE A 152 -26.51 -1.59 25.19
C ILE A 152 -26.99 -0.15 25.04
N MET A 153 -27.37 0.22 23.82
CA MET A 153 -27.86 1.56 23.54
C MET A 153 -29.33 1.70 23.92
N TYR A 154 -29.59 1.89 25.21
CA TYR A 154 -30.96 2.03 25.70
C TYR A 154 -31.59 3.34 25.24
N ASN A 155 -30.78 4.39 25.19
CA ASN A 155 -31.23 5.70 24.70
C ASN A 155 -30.31 6.24 23.62
N PRO A 156 -30.62 5.92 22.36
CA PRO A 156 -29.83 6.40 21.22
C PRO A 156 -29.90 7.91 21.06
N PRO A 157 -28.72 8.56 20.91
CA PRO A 157 -28.63 10.02 20.74
C PRO A 157 -29.43 10.51 19.55
N HIS A 158 -29.48 9.71 18.49
CA HIS A 158 -30.20 10.06 17.28
C HIS A 158 -30.92 8.84 16.72
N PRO A 159 -32.15 9.02 16.23
CA PRO A 159 -32.95 7.92 15.69
C PRO A 159 -32.37 7.31 14.41
N THR A 160 -31.72 8.12 13.59
CA THR A 160 -31.27 7.66 12.28
C THR A 160 -29.78 7.89 12.00
N GLN A 161 -29.06 8.41 12.99
CA GLN A 161 -27.64 8.70 12.80
C GLN A 161 -26.74 7.82 13.66
N ILE A 162 -25.55 7.53 13.15
CA ILE A 162 -24.54 6.76 13.87
C ILE A 162 -23.47 7.70 14.43
N ILE A 163 -23.35 7.74 15.75
CA ILE A 163 -22.43 8.67 16.38
C ILE A 163 -21.23 7.96 17.00
N ILE A 164 -20.13 7.92 16.26
CA ILE A 164 -18.88 7.36 16.77
C ILE A 164 -17.96 8.49 17.23
N GLY A 165 -17.88 8.70 18.54
CA GLY A 165 -17.09 9.78 19.09
C GLY A 165 -15.60 9.58 18.98
N LEU A 166 -14.98 10.26 18.02
CA LEU A 166 -13.54 10.17 17.82
C LEU A 166 -12.81 11.15 18.75
N ALA A 167 -12.93 10.91 20.05
CA ALA A 167 -12.35 11.80 21.05
C ALA A 167 -10.92 11.41 21.41
N ASP A 168 -10.15 12.39 21.87
CA ASP A 168 -8.82 12.14 22.40
C ASP A 168 -8.94 11.48 23.77
N ILE A 169 -8.03 10.56 24.07
CA ILE A 169 -8.08 9.85 25.33
C ILE A 169 -6.92 10.23 26.25
N ASP A 170 -7.23 10.96 27.30
CA ASP A 170 -6.23 11.36 28.29
C ASP A 170 -5.87 10.17 29.17
N TYR A 171 -6.80 9.25 29.31
CA TYR A 171 -6.60 8.04 30.11
C TYR A 171 -5.47 7.19 29.55
N PRO A 172 -4.59 6.68 30.44
CA PRO A 172 -3.46 5.84 30.02
C PRO A 172 -3.91 4.50 29.45
N LEU A 173 -4.10 4.44 28.14
CA LEU A 173 -4.52 3.21 27.47
C LEU A 173 -3.35 2.27 27.22
N ASN A 174 -3.34 1.14 27.92
CA ASN A 174 -2.30 0.12 27.77
C ASN A 174 -0.89 0.69 27.97
N LEU A 175 -0.71 1.41 29.07
CA LEU A 175 0.57 2.02 29.43
C LEU A 175 1.05 2.99 28.36
N ALA A 176 0.14 3.81 27.85
CA ALA A 176 0.49 4.85 26.89
C ALA A 176 0.18 6.23 27.46
N SER A 177 0.91 7.24 26.98
CA SER A 177 0.70 8.61 27.42
C SER A 177 -0.71 9.08 27.09
N SER A 178 -1.07 8.97 25.82
CA SER A 178 -2.40 9.34 25.36
C SER A 178 -2.85 8.42 24.23
N ALA A 179 -4.06 8.65 23.74
CA ALA A 179 -4.60 7.85 22.64
C ALA A 179 -5.67 8.62 21.88
N ARG A 180 -5.86 8.26 20.61
CA ARG A 180 -6.87 8.90 19.77
C ARG A 180 -7.73 7.84 19.08
N MET A 181 -9.04 7.95 19.27
CA MET A 181 -9.97 7.00 18.66
C MET A 181 -9.95 7.10 17.14
N TRP A 182 -9.84 5.96 16.47
CA TRP A 182 -9.66 5.93 15.04
C TRP A 182 -10.35 4.75 14.38
N VAL A 183 -11.19 5.02 13.39
CA VAL A 183 -11.84 3.98 12.61
C VAL A 183 -10.96 3.59 11.42
N PRO A 184 -10.43 2.36 11.44
CA PRO A 184 -9.48 1.84 10.44
C PRO A 184 -9.97 1.99 9.00
N ASN A 185 -11.23 1.61 8.73
CA ASN A 185 -11.79 1.78 7.39
C ASN A 185 -13.32 1.81 7.40
N LYS A 186 -13.90 2.12 6.25
CA LYS A 186 -15.34 2.29 6.13
C LYS A 186 -16.10 0.97 6.27
N TYR A 187 -15.46 -0.13 5.91
CA TYR A 187 -16.11 -1.43 5.94
C TYR A 187 -16.23 -1.94 7.37
N PHE A 188 -15.23 -1.64 8.19
CA PHE A 188 -15.29 -1.94 9.61
C PHE A 188 -16.37 -1.09 10.28
N ALA A 189 -16.52 0.14 9.79
CA ALA A 189 -17.53 1.06 10.31
C ALA A 189 -18.93 0.55 10.00
N MET A 190 -19.13 0.04 8.79
CA MET A 190 -20.40 -0.56 8.40
C MET A 190 -20.64 -1.84 9.21
N GLY A 191 -19.55 -2.47 9.64
CA GLY A 191 -19.64 -3.63 10.50
C GLY A 191 -20.22 -3.24 11.85
N LEU A 192 -19.67 -2.19 12.44
CA LEU A 192 -20.16 -1.67 13.71
C LEU A 192 -21.63 -1.27 13.61
N ALA A 193 -21.98 -0.68 12.46
CA ALA A 193 -23.34 -0.19 12.23
C ALA A 193 -24.35 -1.33 12.23
N LEU A 194 -23.99 -2.44 11.58
CA LEU A 194 -24.86 -3.62 11.56
C LEU A 194 -24.97 -4.20 12.96
N ALA A 195 -23.84 -4.26 13.66
CA ALA A 195 -23.83 -4.75 15.04
C ALA A 195 -24.65 -3.85 15.95
N TYR A 196 -24.80 -2.58 15.55
CA TYR A 196 -25.54 -1.60 16.33
C TYR A 196 -27.04 -1.66 16.05
N GLU A 197 -27.42 -1.97 14.82
CA GLU A 197 -28.83 -2.01 14.45
C GLU A 197 -29.42 -3.39 14.68
N TRP A 198 -28.59 -4.42 14.57
CA TRP A 198 -29.04 -5.80 14.73
C TRP A 198 -29.16 -6.20 16.20
N PHE A 199 -28.08 -6.04 16.94
CA PHE A 199 -28.04 -6.50 18.33
C PHE A 199 -28.03 -5.34 19.32
N LYS A 200 -28.31 -4.14 18.82
CA LYS A 200 -28.45 -2.94 19.64
C LYS A 200 -27.22 -2.65 20.49
N VAL A 201 -26.04 -2.90 19.91
CA VAL A 201 -24.78 -2.71 20.61
C VAL A 201 -24.15 -1.35 20.30
N ASN A 202 -23.79 -0.62 21.34
CA ASN A 202 -23.13 0.68 21.20
C ASN A 202 -21.84 0.57 20.40
N PRO A 203 -21.76 1.30 19.27
CA PRO A 203 -20.55 1.34 18.44
C PRO A 203 -19.34 1.83 19.22
N ASN A 204 -19.55 2.78 20.13
CA ASN A 204 -18.46 3.32 20.95
C ASN A 204 -17.89 2.27 21.88
N PHE A 205 -18.74 1.34 22.33
CA PHE A 205 -18.29 0.28 23.22
C PHE A 205 -17.39 -0.70 22.48
N LEU A 206 -17.78 -1.08 21.27
CA LEU A 206 -16.97 -1.98 20.46
C LEU A 206 -15.66 -1.32 20.06
N MET A 207 -15.72 -0.02 19.79
CA MET A 207 -14.52 0.77 19.51
C MET A 207 -13.58 0.74 20.71
N ALA A 208 -14.14 0.95 21.89
CA ALA A 208 -13.36 0.95 23.13
C ALA A 208 -12.79 -0.42 23.43
N LEU A 209 -13.58 -1.46 23.15
CA LEU A 209 -13.16 -2.83 23.40
C LEU A 209 -11.97 -3.21 22.53
N ALA A 210 -12.08 -2.94 21.23
CA ALA A 210 -11.03 -3.29 20.28
C ALA A 210 -9.74 -2.53 20.57
N ALA A 211 -9.87 -1.33 21.11
CA ALA A 211 -8.71 -0.51 21.46
C ALA A 211 -7.91 -1.15 22.59
N LYS A 212 -8.61 -1.61 23.62
CA LYS A 212 -7.98 -2.24 24.77
C LYS A 212 -7.39 -3.60 24.41
N GLU A 213 -8.09 -4.34 23.56
CA GLU A 213 -7.69 -5.70 23.23
C GLU A 213 -6.44 -5.78 22.37
N ASN A 214 -6.34 -4.92 21.36
CA ASN A 214 -5.23 -5.00 20.41
C ASN A 214 -5.02 -3.73 19.60
N TRP A 215 -5.31 -2.58 20.20
CA TRP A 215 -5.16 -1.29 19.55
C TRP A 215 -5.83 -1.22 18.18
N GLY A 216 -6.94 -1.94 18.04
CA GLY A 216 -7.61 -2.06 16.75
C GLY A 216 -8.26 -0.77 16.28
N THR A 217 -8.69 0.05 17.24
CA THR A 217 -9.45 1.25 16.92
C THR A 217 -8.89 2.51 17.58
N ALA A 218 -7.58 2.53 17.81
CA ALA A 218 -6.96 3.67 18.49
C ALA A 218 -5.52 3.89 18.05
N VAL A 219 -5.15 5.17 17.89
CA VAL A 219 -3.79 5.56 17.57
C VAL A 219 -3.24 6.43 18.69
N THR A 220 -1.91 6.60 18.74
CA THR A 220 -1.29 7.36 19.81
C THR A 220 -0.11 8.21 19.35
N LYS A 221 0.16 9.28 20.09
CA LYS A 221 1.32 10.13 19.84
C LYS A 221 2.53 9.60 20.59
N ASP A 222 2.30 8.59 21.42
CA ASP A 222 3.32 8.03 22.29
C ASP A 222 4.53 7.54 21.50
N PRO A 223 5.70 8.16 21.74
CA PRO A 223 6.94 7.82 21.05
C PRO A 223 7.44 6.42 21.38
N ALA A 224 7.14 5.95 22.59
CA ALA A 224 7.59 4.63 23.03
C ALA A 224 6.92 3.53 22.22
N PHE A 225 5.65 3.72 21.89
CA PHE A 225 4.91 2.73 21.12
C PHE A 225 5.26 2.78 19.63
N LYS A 226 5.72 1.65 19.11
CA LYS A 226 6.03 1.53 17.69
C LYS A 226 4.89 0.83 16.96
N GLY A 227 4.58 1.31 15.76
CA GLY A 227 3.53 0.74 14.95
C GLY A 227 3.51 1.33 13.56
N TYR A 228 2.36 1.19 12.88
CA TYR A 228 2.22 1.67 11.51
C TYR A 228 1.97 3.17 11.49
N LYS A 229 2.54 3.86 10.51
CA LYS A 229 2.37 5.30 10.37
C LYS A 229 0.96 5.64 9.92
N VAL A 230 0.26 6.41 10.74
CA VAL A 230 -1.09 6.86 10.42
C VAL A 230 -1.20 8.37 10.65
N ILE A 231 -1.80 9.06 9.68
CA ILE A 231 -1.86 10.52 9.73
C ILE A 231 -3.29 11.05 9.86
N ILE A 232 -3.51 11.88 10.89
CA ILE A 232 -4.80 12.52 11.10
C ILE A 232 -4.60 14.03 11.28
N ASP A 233 -5.26 14.81 10.43
CA ASP A 233 -5.15 16.27 10.45
C ASP A 233 -3.70 16.72 10.36
N GLU A 234 -2.98 16.16 9.38
CA GLU A 234 -1.58 16.48 9.13
C GLU A 234 -0.68 16.25 10.35
N GLU A 235 -1.07 15.30 11.20
CA GLU A 235 -0.28 14.97 12.39
C GLU A 235 0.05 13.49 12.40
N GLU A 236 1.29 13.17 12.79
CA GLU A 236 1.75 11.78 12.83
C GLU A 236 1.15 11.03 14.03
N TYR A 237 0.62 9.84 13.77
CA TYR A 237 0.11 8.98 14.83
C TYR A 237 0.62 7.55 14.64
N TYR A 238 0.75 6.83 15.74
CA TYR A 238 1.20 5.44 15.69
C TYR A 238 0.06 4.47 15.95
N TRP A 239 0.03 3.39 15.17
CA TRP A 239 -1.01 2.37 15.30
C TRP A 239 -0.40 1.03 15.66
N PRO A 240 -0.27 0.75 16.98
CA PRO A 240 0.39 -0.46 17.47
C PRO A 240 -0.54 -1.66 17.55
N VAL A 241 -1.04 -2.10 16.41
CA VAL A 241 -1.93 -3.26 16.36
C VAL A 241 -1.21 -4.49 15.82
N GLN A 242 -1.34 -5.61 16.53
CA GLN A 242 -0.83 -6.88 16.04
C GLN A 242 -1.75 -7.39 14.94
N ILE A 243 -1.54 -6.88 13.73
CA ILE A 243 -2.44 -7.12 12.61
C ILE A 243 -2.45 -8.59 12.16
N ASP A 244 -1.45 -9.35 12.61
CA ASP A 244 -1.32 -10.75 12.21
C ASP A 244 -2.01 -11.69 13.20
N HIS A 245 -2.46 -11.15 14.32
CA HIS A 245 -3.08 -11.95 15.37
C HIS A 245 -4.37 -12.61 14.88
N PRO A 246 -4.43 -13.96 14.94
CA PRO A 246 -5.56 -14.75 14.46
C PRO A 246 -6.87 -14.43 15.20
N ASP A 247 -6.76 -13.90 16.41
CA ASP A 247 -7.93 -13.53 17.19
C ASP A 247 -8.44 -12.15 16.83
N GLY A 248 -7.78 -11.51 15.86
CA GLY A 248 -8.21 -10.21 15.38
C GLY A 248 -8.01 -9.08 16.38
N ILE A 249 -8.69 -7.97 16.14
CA ILE A 249 -8.54 -6.79 16.97
C ILE A 249 -9.46 -6.81 18.19
N PHE A 250 -10.35 -7.79 18.24
CA PHE A 250 -11.23 -7.96 19.39
C PHE A 250 -10.72 -9.08 20.31
N GLN A 251 -9.68 -9.77 19.84
CA GLN A 251 -9.07 -10.87 20.59
C GLN A 251 -10.10 -11.93 20.97
N VAL A 252 -10.92 -12.34 20.01
CA VAL A 252 -11.88 -13.40 20.23
C VAL A 252 -11.21 -14.76 20.09
N GLU A 253 -11.08 -15.48 21.20
CA GLU A 253 -10.40 -16.77 21.22
C GLU A 253 -11.15 -17.80 20.39
N SER A 254 -10.44 -18.84 19.97
CA SER A 254 -11.01 -19.89 19.14
C SER A 254 -12.09 -20.66 19.88
N GLY A 255 -11.90 -20.83 21.19
CA GLY A 255 -12.86 -21.54 22.02
C GLY A 255 -14.16 -20.79 22.20
N ASN A 256 -14.05 -19.47 22.34
CA ASN A 256 -15.23 -18.63 22.48
C ASN A 256 -16.01 -18.53 21.16
N PHE A 257 -15.28 -18.54 20.05
CA PHE A 257 -15.88 -18.48 18.73
C PHE A 257 -16.73 -19.72 18.45
N ASN A 258 -16.14 -20.89 18.65
CA ASN A 258 -16.82 -22.15 18.40
C ASN A 258 -18.01 -22.36 19.34
N GLN A 259 -17.95 -21.75 20.52
CA GLN A 259 -19.01 -21.88 21.50
C GLN A 259 -20.25 -21.11 21.09
N ILE A 260 -20.07 -19.85 20.71
CA ILE A 260 -21.20 -19.02 20.27
C ILE A 260 -21.69 -19.46 18.90
N LYS A 261 -20.82 -20.14 18.15
CA LYS A 261 -21.20 -20.71 16.87
C LYS A 261 -22.22 -21.81 17.09
N ALA A 262 -22.02 -22.59 18.15
CA ALA A 262 -22.94 -23.66 18.51
C ALA A 262 -24.21 -23.09 19.11
N TYR A 263 -24.10 -21.98 19.83
CA TYR A 263 -25.25 -21.32 20.44
C TYR A 263 -26.16 -20.71 19.38
N TYR A 264 -25.56 -20.16 18.33
CA TYR A 264 -26.32 -19.44 17.32
C TYR A 264 -26.16 -20.02 15.91
N PRO A 265 -26.82 -21.16 15.63
CA PRO A 265 -26.78 -21.72 14.28
C PRO A 265 -27.49 -20.81 13.26
N ASP A 266 -28.44 -20.00 13.73
CA ASP A 266 -29.15 -19.08 12.84
C ASP A 266 -28.25 -17.96 12.35
N ILE A 267 -27.22 -17.64 13.13
CA ILE A 267 -26.28 -16.59 12.76
C ILE A 267 -25.10 -17.14 11.97
N PHE A 268 -24.47 -18.18 12.50
CA PHE A 268 -23.28 -18.76 11.88
C PHE A 268 -23.61 -19.96 11.01
N PRO A 269 -23.08 -19.96 9.78
CA PRO A 269 -23.13 -21.16 8.91
C PRO A 269 -22.26 -22.28 9.48
N ASP A 270 -22.38 -23.48 8.93
CA ASP A 270 -21.59 -24.61 9.40
C ASP A 270 -20.13 -24.50 8.99
N THR A 271 -19.85 -23.63 8.03
CA THR A 271 -18.49 -23.47 7.51
C THR A 271 -17.73 -22.35 8.20
N ALA A 272 -18.36 -21.75 9.22
CA ALA A 272 -17.78 -20.61 9.91
C ALA A 272 -16.48 -20.96 10.63
N ASP A 273 -15.37 -20.42 10.12
CA ASP A 273 -14.05 -20.66 10.70
C ASP A 273 -13.58 -19.45 11.49
N HIS A 274 -12.97 -19.71 12.65
CA HIS A 274 -12.49 -18.65 13.53
C HIS A 274 -11.55 -17.67 12.84
N ASP A 275 -10.52 -18.20 12.19
CA ASP A 275 -9.51 -17.39 11.54
C ASP A 275 -10.08 -16.51 10.43
N ASP A 276 -10.92 -17.10 9.58
CA ASP A 276 -11.50 -16.37 8.45
C ASP A 276 -12.38 -15.21 8.89
N TYR A 277 -12.95 -15.33 10.09
CA TYR A 277 -13.90 -14.34 10.58
C TYR A 277 -13.25 -13.23 11.40
N MET A 278 -12.13 -13.55 12.06
CA MET A 278 -11.53 -12.62 13.00
C MET A 278 -10.22 -12.01 12.50
N LYS A 279 -9.41 -12.81 11.83
CA LYS A 279 -8.09 -12.36 11.40
C LYS A 279 -8.19 -11.31 10.29
N VAL A 280 -7.84 -10.07 10.65
CA VAL A 280 -7.83 -8.97 9.70
C VAL A 280 -6.44 -8.73 9.14
N SER A 281 -6.33 -7.76 8.24
CA SER A 281 -5.05 -7.39 7.65
C SER A 281 -5.01 -5.89 7.41
N LEU A 282 -3.90 -5.39 6.86
CA LEU A 282 -3.77 -3.98 6.54
C LEU A 282 -4.70 -3.62 5.39
N ASP A 283 -5.05 -4.61 4.58
CA ASP A 283 -5.98 -4.43 3.48
C ASP A 283 -7.39 -4.16 4.01
N PRO A 284 -7.96 -2.99 3.66
CA PRO A 284 -9.33 -2.66 4.04
C PRO A 284 -10.36 -3.61 3.41
N ASN A 285 -9.98 -4.24 2.31
CA ASN A 285 -10.86 -5.15 1.60
C ASN A 285 -10.99 -6.51 2.29
N ASP A 286 -10.27 -6.70 3.38
CA ASP A 286 -10.35 -7.94 4.14
C ASP A 286 -11.74 -8.10 4.75
N THR A 287 -12.38 -9.21 4.46
CA THR A 287 -13.76 -9.47 4.88
C THR A 287 -13.91 -9.51 6.40
N ALA A 288 -12.82 -9.80 7.09
CA ALA A 288 -12.86 -9.91 8.55
C ALA A 288 -13.03 -8.54 9.20
N TRP A 289 -12.85 -7.48 8.42
CA TRP A 289 -13.11 -6.13 8.91
C TRP A 289 -14.61 -5.94 9.15
N ILE A 290 -15.40 -6.68 8.38
CA ILE A 290 -16.85 -6.62 8.47
C ILE A 290 -17.38 -7.62 9.49
N THR A 291 -16.81 -8.82 9.49
CA THR A 291 -17.32 -9.91 10.31
C THR A 291 -16.92 -9.79 11.79
N SER A 292 -15.70 -9.38 12.06
CA SER A 292 -15.18 -9.34 13.43
C SER A 292 -15.97 -8.43 14.40
N PRO A 293 -16.42 -7.24 13.94
CA PRO A 293 -17.22 -6.48 14.91
C PRO A 293 -18.56 -7.13 15.20
N ILE A 294 -19.09 -7.87 14.23
CA ILE A 294 -20.38 -8.54 14.39
C ILE A 294 -20.23 -9.78 15.27
N VAL A 295 -19.16 -10.54 15.06
CA VAL A 295 -18.89 -11.72 15.87
C VAL A 295 -18.68 -11.32 17.34
N ALA A 296 -17.97 -10.22 17.54
CA ALA A 296 -17.75 -9.69 18.88
C ALA A 296 -19.08 -9.29 19.52
N ALA A 297 -19.97 -8.72 18.71
CA ALA A 297 -21.28 -8.30 19.19
C ALA A 297 -22.12 -9.50 19.63
N VAL A 298 -22.02 -10.59 18.88
CA VAL A 298 -22.74 -11.82 19.20
C VAL A 298 -22.20 -12.44 20.48
N SER A 299 -20.87 -12.54 20.57
CA SER A 299 -20.20 -13.09 21.74
C SER A 299 -20.54 -12.29 22.99
N LEU A 300 -20.62 -10.98 22.83
CA LEU A 300 -21.03 -10.10 23.93
C LEU A 300 -22.49 -10.31 24.27
N THR A 301 -23.32 -10.45 23.24
CA THR A 301 -24.75 -10.67 23.43
C THR A 301 -25.01 -11.99 24.16
N MET A 302 -24.18 -12.98 23.87
CA MET A 302 -24.27 -14.29 24.52
C MET A 302 -24.30 -14.17 26.03
N GLU A 303 -23.39 -13.38 26.58
CA GLU A 303 -23.29 -13.17 28.01
C GLU A 303 -24.58 -12.59 28.58
N ARG A 304 -25.10 -11.58 27.90
CA ARG A 304 -26.34 -10.92 28.31
C ARG A 304 -27.51 -11.91 28.22
N GLU A 305 -27.53 -12.69 27.16
CA GLU A 305 -28.54 -13.73 26.99
C GLU A 305 -28.41 -14.81 28.06
N LEU A 306 -27.17 -15.14 28.42
CA LEU A 306 -26.89 -16.18 29.40
C LEU A 306 -27.37 -15.78 30.79
N LEU A 307 -27.10 -14.53 31.17
CA LEU A 307 -27.54 -14.01 32.46
C LEU A 307 -29.06 -13.96 32.53
N TYR A 308 -29.68 -13.47 31.46
CA TYR A 308 -31.14 -13.38 31.39
C TYR A 308 -31.81 -14.74 31.52
N ALA A 309 -31.14 -15.78 31.01
CA ALA A 309 -31.69 -17.13 31.06
C ALA A 309 -31.69 -17.67 32.48
N ALA A 310 -30.72 -17.24 33.27
CA ALA A 310 -30.58 -17.70 34.64
C ALA A 310 -31.26 -16.74 35.63
N VAL A 311 -30.83 -15.48 35.60
CA VAL A 311 -31.33 -14.46 36.51
C VAL A 311 -32.83 -14.21 36.29
N GLY A 312 -33.26 -14.28 35.03
CA GLY A 312 -34.67 -14.12 34.72
C GLY A 312 -35.15 -12.68 34.86
N ASP A 313 -36.08 -12.48 35.78
CA ASP A 313 -36.72 -11.18 35.95
C ASP A 313 -35.90 -10.24 36.83
N LYS A 314 -34.95 -10.80 37.58
CA LYS A 314 -34.15 -10.00 38.51
C LYS A 314 -33.10 -9.17 37.78
N TYR A 315 -32.94 -9.43 36.49
CA TYR A 315 -31.98 -8.68 35.68
C TYR A 315 -32.48 -7.25 35.48
N ASN A 316 -33.73 -7.13 35.05
CA ASN A 316 -34.34 -5.82 34.84
C ASN A 316 -34.49 -5.05 36.15
N GLU A 317 -34.81 -5.78 37.21
CA GLU A 317 -34.90 -5.20 38.55
C GLU A 317 -33.54 -4.64 38.97
N PHE A 318 -32.48 -5.36 38.62
CA PHE A 318 -31.13 -4.96 38.97
C PHE A 318 -30.73 -3.68 38.24
N LEU A 319 -31.13 -3.55 36.98
CA LEU A 319 -30.78 -2.39 36.17
C LEU A 319 -31.37 -1.10 36.71
N ARG A 320 -32.54 -1.20 37.32
CA ARG A 320 -33.27 -0.02 37.77
C ARG A 320 -33.03 0.31 39.24
N LEU A 321 -32.47 -0.65 39.98
CA LEU A 321 -32.27 -0.48 41.42
C LEU A 321 -30.80 -0.30 41.78
N ALA A 322 -29.90 -0.61 40.85
CA ALA A 322 -28.47 -0.45 41.08
C ALA A 322 -28.09 1.02 41.13
N LYS A 323 -27.13 1.35 42.01
CA LYS A 323 -26.68 2.73 42.16
C LYS A 323 -25.61 3.07 41.12
N ASP A 324 -25.03 2.05 40.51
CA ASP A 324 -24.03 2.25 39.47
C ASP A 324 -24.69 2.29 38.10
N PRO A 325 -24.59 3.43 37.41
CA PRO A 325 -25.18 3.60 36.08
C PRO A 325 -24.57 2.68 35.04
N TRP A 326 -23.26 2.44 35.15
CA TRP A 326 -22.53 1.63 34.18
C TRP A 326 -22.49 0.15 34.56
N ALA A 327 -23.19 -0.20 35.64
CA ALA A 327 -23.14 -1.54 36.23
C ALA A 327 -23.17 -2.69 35.22
N GLU A 328 -24.19 -2.70 34.37
CA GLU A 328 -24.34 -3.76 33.37
C GLU A 328 -23.14 -3.83 32.44
N THR A 329 -22.65 -2.67 32.02
CA THR A 329 -21.50 -2.59 31.13
C THR A 329 -20.25 -3.17 31.78
N GLU A 330 -20.13 -2.96 33.08
CA GLU A 330 -18.98 -3.46 33.83
C GLU A 330 -18.99 -4.98 33.90
N ILE A 331 -20.19 -5.54 34.10
CA ILE A 331 -20.35 -6.98 34.20
C ILE A 331 -20.06 -7.66 32.86
N ILE A 332 -20.69 -7.16 31.80
CA ILE A 332 -20.53 -7.73 30.47
C ILE A 332 -19.08 -7.66 29.99
N ASP A 333 -18.45 -6.52 30.17
CA ASP A 333 -17.05 -6.35 29.75
C ASP A 333 -16.13 -7.29 30.53
N PHE A 334 -16.46 -7.50 31.80
CA PHE A 334 -15.66 -8.37 32.66
C PHE A 334 -15.77 -9.83 32.20
N GLY A 335 -16.98 -10.23 31.84
CA GLY A 335 -17.22 -11.57 31.37
C GLY A 335 -16.60 -11.83 30.01
N TYR A 336 -16.41 -10.76 29.24
CA TYR A 336 -15.78 -10.88 27.94
C TYR A 336 -14.31 -11.24 28.10
N ASN A 337 -13.65 -10.57 29.04
CA ASN A 337 -12.22 -10.76 29.24
C ASN A 337 -11.89 -11.98 30.08
N ARG A 338 -12.63 -12.18 31.17
CA ARG A 338 -12.34 -13.25 32.11
C ARG A 338 -13.13 -14.53 31.84
N GLY A 339 -14.26 -14.39 31.16
CA GLY A 339 -15.12 -15.53 30.89
C GLY A 339 -16.45 -15.41 31.61
N VAL A 340 -17.44 -16.19 31.18
CA VAL A 340 -18.76 -16.16 31.80
C VAL A 340 -18.75 -16.79 33.19
N GLY A 341 -17.82 -17.73 33.39
CA GLY A 341 -17.69 -18.38 34.69
C GLY A 341 -17.26 -17.41 35.76
N ALA A 342 -16.46 -16.42 35.36
CA ALA A 342 -16.01 -15.38 36.28
C ALA A 342 -17.17 -14.57 36.83
N ILE A 343 -18.10 -14.20 35.94
CA ILE A 343 -19.32 -13.51 36.35
C ILE A 343 -20.13 -14.38 37.30
N GLU A 344 -20.23 -15.66 36.95
CA GLU A 344 -20.97 -16.63 37.75
C GLU A 344 -20.40 -16.76 39.15
N ALA A 345 -19.07 -16.78 39.24
CA ALA A 345 -18.39 -16.95 40.52
C ALA A 345 -18.52 -15.71 41.39
N LEU A 346 -18.90 -14.59 40.79
CA LEU A 346 -19.09 -13.35 41.54
C LEU A 346 -20.35 -13.42 42.40
N LYS A 347 -21.30 -14.24 41.96
CA LYS A 347 -22.59 -14.40 42.65
C LYS A 347 -23.25 -13.05 42.91
N ILE A 348 -23.28 -12.21 41.87
CA ILE A 348 -23.82 -10.86 41.98
C ILE A 348 -25.33 -10.85 42.18
N PHE A 349 -26.03 -11.66 41.39
CA PHE A 349 -27.49 -11.63 41.36
C PHE A 349 -28.12 -12.46 42.48
N SER A 350 -27.30 -12.93 43.41
CA SER A 350 -27.81 -13.74 44.52
C SER A 350 -27.11 -13.42 45.84
N ASP A 351 -25.96 -14.04 46.05
CA ASP A 351 -25.22 -13.89 47.31
C ASP A 351 -24.84 -12.45 47.61
N ASN A 352 -24.27 -11.78 46.62
CA ASN A 352 -23.82 -10.39 46.80
C ASN A 352 -24.77 -9.39 46.17
N TRP A 353 -26.06 -9.66 46.26
CA TRP A 353 -27.08 -8.81 45.65
C TRP A 353 -27.09 -7.41 46.24
N GLU A 354 -27.19 -7.32 47.57
CA GLU A 354 -27.31 -6.04 48.25
C GLU A 354 -26.03 -5.21 48.16
N LYS A 355 -24.89 -5.88 47.98
CA LYS A 355 -23.61 -5.18 47.89
C LYS A 355 -23.44 -4.54 46.52
N ALA A 356 -23.78 -5.28 45.47
CA ALA A 356 -23.64 -4.79 44.11
C ALA A 356 -24.72 -3.76 43.77
N ILE A 357 -25.90 -3.96 44.33
CA ILE A 357 -27.04 -3.09 44.05
C ILE A 357 -26.89 -1.74 44.74
N ASN A 358 -26.01 -1.68 45.73
CA ASN A 358 -25.76 -0.45 46.48
C ASN A 358 -24.38 0.11 46.17
N ALA A 359 -23.63 -0.60 45.34
CA ALA A 359 -22.28 -0.19 44.97
C ALA A 359 -22.31 1.02 44.03
N GLU A 360 -21.64 2.09 44.45
CA GLU A 360 -21.49 3.27 43.60
C GLU A 360 -20.61 2.91 42.41
N VAL A 361 -19.53 2.20 42.68
CA VAL A 361 -18.67 1.66 41.64
C VAL A 361 -18.59 0.14 41.79
N LEU A 362 -19.19 -0.58 40.85
CA LEU A 362 -19.35 -2.02 40.97
C LEU A 362 -18.05 -2.79 40.81
N TRP A 363 -17.20 -2.35 39.88
CA TRP A 363 -15.99 -3.11 39.56
C TRP A 363 -14.90 -2.96 40.63
N LYS A 364 -14.98 -1.89 41.41
CA LYS A 364 -13.98 -1.64 42.44
C LYS A 364 -14.20 -2.50 43.68
N GLU A 365 -15.46 -2.67 44.06
CA GLU A 365 -15.79 -3.46 45.25
C GLU A 365 -15.57 -4.96 44.99
N PHE A 366 -15.97 -5.40 43.80
CA PHE A 366 -15.87 -6.82 43.45
C PHE A 366 -14.52 -7.14 42.82
N ASN A 367 -13.64 -6.15 42.77
CA ASN A 367 -12.30 -6.29 42.20
C ASN A 367 -12.35 -6.81 40.77
N MET A 368 -13.26 -6.26 39.96
CA MET A 368 -13.38 -6.64 38.57
C MET A 368 -12.46 -5.81 37.70
N GLU A 369 -11.16 -5.82 38.03
CA GLU A 369 -10.18 -5.04 37.29
C GLU A 369 -10.02 -5.58 35.87
N GLY A 370 -9.88 -6.89 35.75
CA GLY A 370 -9.61 -7.52 34.47
C GLY A 370 -8.14 -7.44 34.15
N PHE A 371 -7.69 -8.23 33.18
CA PHE A 371 -6.28 -8.24 32.78
C PHE A 371 -5.86 -6.89 32.21
N GLY A 372 -4.88 -6.27 32.84
CA GLY A 372 -4.37 -4.98 32.41
C GLY A 372 -5.36 -3.86 32.63
N GLY A 373 -6.18 -4.00 33.66
CA GLY A 373 -7.22 -3.02 33.94
C GLY A 373 -8.21 -2.95 32.81
N HIS A 374 -8.68 -4.11 32.35
CA HIS A 374 -9.54 -4.20 31.19
C HIS A 374 -10.84 -3.42 31.35
N VAL A 375 -11.58 -3.72 32.43
CA VAL A 375 -12.88 -3.10 32.67
C VAL A 375 -12.83 -1.57 32.82
N PRO A 376 -11.92 -1.03 33.67
CA PRO A 376 -11.95 0.42 33.80
C PRO A 376 -11.56 1.17 32.52
N THR A 377 -10.66 0.59 31.73
CA THR A 377 -10.24 1.21 30.48
C THR A 377 -11.39 1.35 29.49
N VAL A 378 -12.11 0.26 29.28
CA VAL A 378 -13.20 0.21 28.30
C VAL A 378 -14.32 1.20 28.65
N ILE A 379 -14.69 1.25 29.93
CA ILE A 379 -15.76 2.12 30.38
C ILE A 379 -15.44 3.59 30.16
N ASN A 380 -14.27 4.02 30.62
CA ASN A 380 -13.87 5.42 30.52
C ASN A 380 -13.76 5.89 29.08
N ILE A 381 -13.19 5.06 28.22
CA ILE A 381 -13.08 5.37 26.80
C ILE A 381 -14.47 5.48 26.18
N THR A 382 -15.33 4.53 26.52
CA THR A 382 -16.71 4.53 26.05
C THR A 382 -17.43 5.81 26.47
N ALA A 383 -17.27 6.17 27.74
CA ALA A 383 -17.88 7.38 28.28
C ALA A 383 -17.35 8.63 27.57
N THR A 384 -16.06 8.61 27.25
CA THR A 384 -15.42 9.73 26.57
C THR A 384 -15.94 9.87 25.14
N MET A 385 -16.04 8.75 24.43
CA MET A 385 -16.55 8.74 23.06
C MET A 385 -18.01 9.17 23.02
N ASP A 386 -18.75 8.79 24.06
CA ASP A 386 -20.15 9.19 24.19
C ASP A 386 -20.26 10.69 24.44
N MET A 387 -19.29 11.22 25.17
CA MET A 387 -19.30 12.63 25.57
C MET A 387 -18.83 13.52 24.43
N GLU A 388 -18.09 12.94 23.48
CA GLU A 388 -17.60 13.68 22.32
C GLU A 388 -18.74 14.15 21.42
N THR A 389 -18.73 15.43 21.08
CA THR A 389 -19.77 16.01 20.23
C THR A 389 -19.17 16.84 19.10
N GLU A 390 -17.89 17.16 19.24
CA GLU A 390 -17.22 18.04 18.28
C GLU A 390 -16.69 17.28 17.07
N ARG A 391 -16.26 16.04 17.29
CA ARG A 391 -15.64 15.25 16.24
C ARG A 391 -16.29 13.87 16.10
N ILE A 392 -17.24 13.77 15.16
CA ILE A 392 -17.95 12.53 14.93
C ILE A 392 -17.54 11.90 13.60
N TYR A 393 -17.34 10.59 13.59
CA TYR A 393 -16.92 9.88 12.39
C TYR A 393 -17.96 9.98 11.29
N ASP A 394 -17.48 10.06 10.05
CA ASP A 394 -18.34 10.03 8.88
C ASP A 394 -17.54 9.45 7.71
N ALA A 395 -18.24 9.08 6.64
CA ALA A 395 -17.59 8.51 5.47
C ALA A 395 -18.49 8.58 4.24
N ASN A 396 -17.89 8.46 3.07
CA ASN A 396 -18.66 8.42 1.83
C ASN A 396 -18.78 6.99 1.32
N LEU A 397 -20.00 6.47 1.33
CA LEU A 397 -20.25 5.10 0.92
C LEU A 397 -20.74 5.03 -0.53
N THR A 398 -19.88 4.52 -1.41
CA THR A 398 -20.26 4.29 -2.80
C THR A 398 -21.27 3.15 -2.85
N TRP A 399 -21.92 2.96 -3.99
CA TRP A 399 -22.80 1.80 -4.15
C TRP A 399 -21.98 0.52 -4.05
N ASP A 400 -20.79 0.54 -4.66
CA ASP A 400 -19.89 -0.60 -4.63
C ASP A 400 -19.49 -0.96 -3.21
N ASP A 401 -19.53 0.03 -2.33
CA ASP A 401 -19.29 -0.21 -0.91
C ASP A 401 -20.50 -0.91 -0.29
N ILE A 402 -21.69 -0.38 -0.55
CA ILE A 402 -22.92 -0.96 -0.03
C ILE A 402 -23.11 -2.40 -0.48
N GLU A 403 -22.96 -2.63 -1.78
CA GLU A 403 -23.15 -3.96 -2.35
C GLU A 403 -22.11 -4.95 -1.84
N TYR A 404 -20.87 -4.49 -1.65
CA TYR A 404 -19.82 -5.33 -1.11
C TYR A 404 -20.14 -5.78 0.31
N PHE A 405 -20.67 -4.84 1.10
CA PHE A 405 -21.02 -5.11 2.49
C PHE A 405 -22.05 -6.23 2.60
N PHE A 406 -23.15 -6.11 1.86
CA PHE A 406 -24.21 -7.09 1.90
C PHE A 406 -23.78 -8.42 1.30
N THR A 407 -22.82 -8.36 0.37
CA THR A 407 -22.27 -9.57 -0.23
C THR A 407 -21.53 -10.39 0.83
N VAL A 408 -20.75 -9.70 1.67
CA VAL A 408 -20.01 -10.34 2.73
C VAL A 408 -20.96 -10.90 3.79
N VAL A 409 -21.99 -10.14 4.11
CA VAL A 409 -23.02 -10.57 5.07
C VAL A 409 -23.70 -11.85 4.59
N ARG A 410 -24.07 -11.85 3.31
CA ARG A 410 -24.71 -13.00 2.69
C ARG A 410 -23.84 -14.25 2.77
N GLN A 411 -22.53 -14.06 2.63
CA GLN A 411 -21.60 -15.17 2.56
C GLN A 411 -21.16 -15.67 3.94
N LYS A 412 -21.07 -14.76 4.89
CA LYS A 412 -20.51 -15.10 6.20
C LYS A 412 -21.56 -15.29 7.29
N PHE A 413 -22.81 -14.93 7.00
CA PHE A 413 -23.87 -15.07 7.99
C PHE A 413 -25.12 -15.73 7.42
N PHE A 414 -26.05 -16.08 8.31
CA PHE A 414 -27.29 -16.79 7.98
C PHE A 414 -27.04 -18.19 7.42
N ARG A 415 -28.10 -18.98 7.34
CA ARG A 415 -28.04 -20.31 6.76
C ARG A 415 -28.91 -20.36 5.51
N PRO A 416 -28.63 -21.34 4.61
CA PRO A 416 -29.49 -21.54 3.44
C PRO A 416 -30.93 -21.81 3.85
N GLY A 417 -31.85 -20.95 3.40
CA GLY A 417 -33.26 -21.12 3.73
C GLY A 417 -33.78 -20.02 4.62
N ALA A 418 -32.88 -19.34 5.33
CA ALA A 418 -33.27 -18.21 6.16
C ALA A 418 -33.79 -17.09 5.29
N ILE A 419 -33.05 -16.81 4.21
CA ILE A 419 -33.47 -15.82 3.22
C ILE A 419 -33.35 -16.43 1.82
N SER A 420 -34.47 -16.49 1.11
CA SER A 420 -34.49 -17.03 -0.25
C SER A 420 -33.71 -16.15 -1.21
N ASP A 421 -33.23 -16.75 -2.31
CA ASP A 421 -32.51 -16.00 -3.34
C ASP A 421 -33.38 -14.88 -3.90
N GLU A 422 -34.66 -15.16 -4.08
CA GLU A 422 -35.60 -14.16 -4.58
C GLU A 422 -35.80 -13.04 -3.57
N GLU A 423 -35.93 -13.42 -2.30
CA GLU A 423 -36.13 -12.44 -1.23
C GLU A 423 -34.93 -11.52 -1.09
N TRP A 424 -33.74 -12.06 -1.37
CA TRP A 424 -32.51 -11.28 -1.27
C TRP A 424 -32.41 -10.27 -2.41
N ASN A 425 -32.63 -10.74 -3.63
CA ASN A 425 -32.62 -9.88 -4.81
C ASN A 425 -33.67 -8.79 -4.68
N ALA A 426 -34.81 -9.14 -4.09
CA ALA A 426 -35.88 -8.18 -3.84
C ALA A 426 -35.44 -7.17 -2.79
N MET A 427 -34.70 -7.63 -1.79
CA MET A 427 -34.18 -6.74 -0.76
C MET A 427 -33.17 -5.77 -1.35
N MET A 428 -32.31 -6.28 -2.23
CA MET A 428 -31.26 -5.47 -2.85
C MET A 428 -31.83 -4.34 -3.69
N ARG A 429 -32.94 -4.60 -4.38
CA ARG A 429 -33.59 -3.57 -5.18
C ARG A 429 -34.10 -2.43 -4.29
N ASP A 430 -34.54 -2.78 -3.09
CA ASP A 430 -34.97 -1.78 -2.12
C ASP A 430 -33.77 -0.99 -1.60
N VAL A 431 -32.68 -1.70 -1.31
CA VAL A 431 -31.44 -1.06 -0.87
C VAL A 431 -30.89 -0.18 -1.98
N LYS A 432 -30.98 -0.67 -3.21
CA LYS A 432 -30.50 0.07 -4.38
C LYS A 432 -31.28 1.37 -4.56
N ARG A 433 -32.60 1.29 -4.45
CA ARG A 433 -33.45 2.47 -4.59
C ARG A 433 -33.20 3.45 -3.44
N ALA A 434 -33.14 2.92 -2.22
CA ALA A 434 -32.90 3.73 -1.04
C ALA A 434 -31.56 4.45 -1.13
N TYR A 435 -30.57 3.77 -1.71
CA TYR A 435 -29.26 4.37 -1.91
C TYR A 435 -29.34 5.53 -2.90
N ASP A 436 -30.06 5.31 -4.00
CA ASP A 436 -30.19 6.31 -5.05
C ASP A 436 -30.94 7.54 -4.56
N LEU A 437 -32.00 7.32 -3.78
CA LEU A 437 -32.80 8.43 -3.26
C LEU A 437 -32.02 9.26 -2.24
N LEU A 438 -31.25 8.57 -1.41
CA LEU A 438 -30.50 9.25 -0.34
C LEU A 438 -29.21 9.89 -0.86
N SER A 439 -28.75 9.44 -2.03
CA SER A 439 -27.51 9.96 -2.59
C SER A 439 -27.71 11.33 -3.24
N GLN A 440 -28.96 11.66 -3.53
CA GLN A 440 -29.28 12.93 -4.18
C GLN A 440 -28.92 14.12 -3.31
N HIS A 441 -28.99 13.93 -2.00
CA HIS A 441 -28.67 14.98 -1.04
C HIS A 441 -27.18 15.33 -1.07
N TRP A 442 -26.37 14.42 -1.58
CA TRP A 442 -24.93 14.61 -1.62
C TRP A 442 -24.39 14.75 -3.04
N GLY A 443 -25.27 14.59 -4.02
CA GLY A 443 -24.88 14.76 -5.42
C GLY A 443 -24.95 13.50 -6.24
N GLY A 444 -25.35 12.39 -5.61
CA GLY A 444 -25.50 11.13 -6.31
C GLY A 444 -24.22 10.30 -6.35
N ASP A 445 -23.13 10.86 -5.84
CA ASP A 445 -21.86 10.15 -5.82
C ASP A 445 -21.78 9.15 -4.67
N HIS A 446 -22.49 9.44 -3.58
CA HIS A 446 -22.38 8.64 -2.37
C HIS A 446 -23.48 8.95 -1.36
N ILE A 447 -23.53 8.15 -0.30
CA ILE A 447 -24.37 8.45 0.85
C ILE A 447 -23.48 8.60 2.09
N SER A 448 -24.00 9.25 3.12
CA SER A 448 -23.26 9.41 4.35
C SER A 448 -23.42 8.19 5.26
N TYR A 449 -22.32 7.66 5.75
CA TYR A 449 -22.35 6.57 6.70
C TYR A 449 -23.08 6.99 7.97
N ARG A 450 -22.76 8.20 8.44
CA ARG A 450 -23.35 8.74 9.65
C ARG A 450 -24.85 8.96 9.53
N TYR A 451 -25.28 9.55 8.43
CA TYR A 451 -26.66 10.00 8.29
C TYR A 451 -27.58 9.00 7.58
N ASP A 452 -27.02 8.22 6.66
CA ASP A 452 -27.87 7.41 5.77
C ASP A 452 -27.82 5.90 6.00
N PHE A 453 -26.68 5.39 6.46
CA PHE A 453 -26.47 3.94 6.47
C PHE A 453 -27.38 3.17 7.42
N LEU A 454 -27.82 3.81 8.50
CA LEU A 454 -28.76 3.16 9.40
C LEU A 454 -30.09 2.94 8.68
N THR A 455 -30.49 3.94 7.90
CA THR A 455 -31.70 3.84 7.08
C THR A 455 -31.54 2.72 6.05
N ILE A 456 -30.34 2.64 5.47
CA ILE A 456 -30.03 1.60 4.50
C ILE A 456 -30.18 0.21 5.11
N LEU A 457 -29.70 0.06 6.33
CA LEU A 457 -29.80 -1.21 7.04
C LEU A 457 -31.26 -1.56 7.33
N ARG A 458 -32.01 -0.60 7.86
CA ARG A 458 -33.40 -0.82 8.22
C ARG A 458 -34.25 -1.20 7.01
N VAL A 459 -33.95 -0.60 5.86
CA VAL A 459 -34.61 -0.95 4.61
C VAL A 459 -34.32 -2.40 4.25
N ALA A 460 -33.06 -2.80 4.42
CA ALA A 460 -32.63 -4.16 4.11
C ALA A 460 -33.21 -5.16 5.11
N MET A 461 -33.22 -4.78 6.38
CA MET A 461 -33.67 -5.68 7.45
C MET A 461 -35.19 -5.86 7.43
N LYS A 462 -35.88 -5.06 6.64
CA LYS A 462 -37.32 -5.23 6.44
C LYS A 462 -37.61 -6.55 5.72
N HIS A 463 -36.58 -7.10 5.07
CA HIS A 463 -36.69 -8.37 4.37
C HIS A 463 -36.02 -9.49 5.16
N TRP A 464 -35.45 -9.14 6.31
CA TRP A 464 -34.81 -10.13 7.18
C TRP A 464 -35.84 -10.85 8.03
N PRO A 465 -35.62 -12.16 8.28
CA PRO A 465 -36.57 -13.00 9.03
C PRO A 465 -36.92 -12.43 10.41
N GLU A 466 -38.20 -12.46 10.74
CA GLU A 466 -38.65 -12.04 12.06
C GLU A 466 -38.84 -13.25 12.99
N PRO A 467 -38.40 -13.13 14.24
CA PRO A 467 -37.71 -11.96 14.80
C PRO A 467 -36.25 -11.86 14.34
N HIS A 468 -35.73 -10.64 14.27
CA HIS A 468 -34.39 -10.42 13.75
C HIS A 468 -33.33 -11.05 14.66
N ILE A 469 -33.53 -10.93 15.96
CA ILE A 469 -32.61 -11.54 16.93
C ILE A 469 -33.11 -12.92 17.34
N PRO A 470 -32.41 -13.97 16.89
CA PRO A 470 -32.80 -15.36 17.16
C PRO A 470 -32.47 -15.79 18.58
N ARG A 471 -33.03 -16.91 19.01
CA ARG A 471 -32.74 -17.45 20.33
C ARG A 471 -31.45 -18.26 20.34
N PRO A 472 -30.63 -18.05 21.37
CA PRO A 472 -29.50 -18.96 21.61
C PRO A 472 -30.04 -20.36 21.89
N THR A 473 -29.57 -21.36 21.15
CA THR A 473 -30.12 -22.70 21.27
C THR A 473 -29.05 -23.76 21.03
N GLY A 474 -29.43 -25.02 21.21
CA GLY A 474 -28.52 -26.13 21.00
C GLY A 474 -28.20 -26.89 22.28
N ASP A 475 -27.48 -28.00 22.13
CA ASP A 475 -27.11 -28.84 23.27
C ASP A 475 -26.28 -28.10 24.30
N ASP A 476 -25.20 -27.47 23.84
CA ASP A 476 -24.29 -26.74 24.72
C ASP A 476 -25.01 -25.65 25.51
N TRP A 477 -25.87 -24.90 24.83
CA TRP A 477 -26.59 -23.81 25.46
C TRP A 477 -27.53 -24.32 26.55
N TYR A 478 -28.11 -25.50 26.33
CA TYR A 478 -29.06 -26.06 27.28
C TYR A 478 -28.40 -26.38 28.61
N TYR A 479 -27.22 -27.00 28.56
CA TYR A 479 -26.52 -27.39 29.78
C TYR A 479 -25.99 -26.17 30.53
N HIS A 480 -25.31 -25.28 29.82
CA HIS A 480 -24.69 -24.12 30.43
C HIS A 480 -25.70 -23.16 31.06
N ALA A 481 -26.76 -22.84 30.32
CA ALA A 481 -27.75 -21.88 30.79
C ALA A 481 -28.60 -22.44 31.93
N ARG A 482 -28.75 -23.76 31.95
CA ARG A 482 -29.54 -24.41 32.99
C ARG A 482 -28.79 -24.42 34.32
N ASN A 483 -27.47 -24.54 34.25
CA ASN A 483 -26.65 -24.67 35.45
C ASN A 483 -25.93 -23.36 35.81
N TYR A 484 -26.19 -22.32 35.04
CA TYR A 484 -25.56 -21.02 35.30
C TYR A 484 -26.21 -20.36 36.51
N ASN A 485 -25.39 -20.05 37.51
CA ASN A 485 -25.89 -19.39 38.73
C ASN A 485 -25.02 -18.22 39.17
N PRO A 486 -25.29 -17.03 38.62
CA PRO A 486 -24.61 -15.80 39.01
C PRO A 486 -25.26 -15.12 40.20
N ALA B 2 44.93 -3.04 -41.30
CA ALA B 2 45.87 -3.67 -42.21
C ALA B 2 46.47 -2.66 -43.18
N TYR B 3 47.80 -2.66 -43.27
CA TYR B 3 48.51 -1.75 -44.17
C TYR B 3 49.58 -2.49 -44.95
N ARG B 4 49.69 -2.18 -46.23
CA ARG B 4 50.57 -2.92 -47.12
C ARG B 4 51.18 -2.03 -48.21
N ILE B 5 52.44 -2.30 -48.54
CA ILE B 5 53.08 -1.61 -49.66
C ILE B 5 52.91 -2.44 -50.91
N VAL B 6 52.03 -1.99 -51.80
CA VAL B 6 51.71 -2.74 -53.01
C VAL B 6 52.86 -2.74 -54.00
N SER B 7 53.36 -1.56 -54.32
CA SER B 7 54.47 -1.42 -55.26
C SER B 7 55.24 -0.12 -55.07
N GLU B 8 56.46 -0.09 -55.57
CA GLU B 8 57.30 1.10 -55.53
C GLU B 8 58.23 1.13 -56.73
N THR B 9 58.15 2.19 -57.53
CA THR B 9 58.92 2.26 -58.77
C THR B 9 59.34 3.69 -59.11
N GLY B 10 60.65 3.93 -59.06
CA GLY B 10 61.20 5.22 -59.42
C GLY B 10 60.79 6.34 -58.48
N ASP B 11 59.71 7.03 -58.84
CA ASP B 11 59.21 8.14 -58.03
C ASP B 11 57.75 7.93 -57.65
N LYS B 12 57.24 6.73 -57.87
CA LYS B 12 55.85 6.42 -57.56
C LYS B 12 55.74 5.31 -56.52
N ILE B 13 54.86 5.51 -55.54
CA ILE B 13 54.61 4.52 -54.52
C ILE B 13 53.13 4.16 -54.48
N THR B 14 52.83 2.87 -54.39
CA THR B 14 51.44 2.43 -54.28
C THR B 14 51.23 1.65 -52.99
N VAL B 15 50.38 2.18 -52.12
CA VAL B 15 50.08 1.54 -50.86
C VAL B 15 48.60 1.22 -50.75
N GLU B 16 48.27 0.20 -49.96
CA GLU B 16 46.87 -0.18 -49.77
C GLU B 16 46.51 -0.16 -48.29
N LEU B 17 45.54 0.69 -47.94
CA LEU B 17 45.03 0.74 -46.58
C LEU B 17 43.73 -0.04 -46.48
N THR B 18 43.69 -0.97 -45.53
CA THR B 18 42.51 -1.81 -45.35
C THR B 18 41.81 -1.52 -44.03
N LEU B 19 40.61 -0.95 -44.13
CA LEU B 19 39.77 -0.71 -42.96
C LEU B 19 38.71 -1.79 -42.89
N ALA B 20 38.47 -2.31 -41.69
CA ALA B 20 37.53 -3.41 -41.57
C ALA B 20 36.96 -3.57 -40.16
N ASN B 21 35.73 -4.04 -40.10
CA ASN B 21 35.15 -4.55 -38.86
C ASN B 21 35.29 -6.06 -38.87
N LYS B 22 36.39 -6.55 -38.32
CA LYS B 22 36.72 -7.97 -38.34
C LYS B 22 35.67 -8.82 -37.63
N ASN B 23 34.95 -8.21 -36.70
CA ASN B 23 33.99 -8.93 -35.88
C ASN B 23 32.86 -9.54 -36.69
N THR B 24 32.68 -10.86 -36.53
CA THR B 24 31.62 -11.59 -37.23
C THR B 24 30.36 -11.65 -36.37
N HIS B 25 30.52 -11.41 -35.07
CA HIS B 25 29.41 -11.34 -34.14
C HIS B 25 29.57 -10.12 -33.25
N TYR B 26 28.65 -9.91 -32.31
CA TYR B 26 28.72 -8.74 -31.44
C TYR B 26 29.91 -8.79 -30.49
N VAL B 27 30.65 -7.69 -30.42
CA VAL B 27 31.66 -7.49 -29.40
C VAL B 27 31.50 -6.08 -28.84
N TRP B 28 31.99 -5.86 -27.63
CA TRP B 28 31.83 -4.57 -26.96
C TRP B 28 32.46 -3.43 -27.74
N ASN B 29 31.66 -2.41 -28.01
CA ASN B 29 32.09 -1.20 -28.71
C ASN B 29 32.66 -1.49 -30.09
N GLY B 30 32.20 -2.60 -30.69
CA GLY B 30 32.67 -3.00 -31.99
C GLY B 30 31.58 -3.54 -32.90
N TRP B 31 30.33 -3.31 -32.52
CA TRP B 31 29.20 -3.72 -33.34
C TRP B 31 29.18 -2.95 -34.65
N CYS B 32 29.63 -1.69 -34.59
CA CYS B 32 29.70 -0.84 -35.77
C CYS B 32 30.74 0.25 -35.56
N PHE B 33 31.42 0.63 -36.64
CA PHE B 33 32.41 1.70 -36.57
C PHE B 33 32.04 2.84 -37.52
N ASP B 34 31.94 4.04 -36.96
CA ASP B 34 31.65 5.24 -37.75
C ASP B 34 32.89 6.11 -37.86
N ILE B 35 33.45 6.19 -39.07
CA ILE B 35 34.65 6.98 -39.30
C ILE B 35 34.30 8.36 -39.88
N LYS B 36 34.77 9.41 -39.20
CA LYS B 36 34.60 10.77 -39.71
C LYS B 36 35.52 10.98 -40.90
N ASN B 37 36.81 10.82 -40.68
CA ASN B 37 37.80 10.92 -41.75
C ASN B 37 39.08 10.15 -41.43
N ILE B 38 39.99 10.11 -42.40
CA ILE B 38 41.29 9.47 -42.23
C ILE B 38 42.40 10.45 -42.60
N THR B 39 43.45 10.49 -41.80
CA THR B 39 44.55 11.42 -42.05
C THR B 39 45.92 10.73 -42.05
N PHE B 40 46.62 10.83 -43.18
CA PHE B 40 48.01 10.41 -43.24
C PHE B 40 48.88 11.56 -43.71
N GLU B 41 50.20 11.37 -43.67
CA GLU B 41 51.11 12.45 -44.00
C GLU B 41 52.13 12.04 -45.06
N THR B 42 52.32 12.92 -46.04
CA THR B 42 53.32 12.73 -47.09
C THR B 42 53.76 14.09 -47.65
N THR B 43 55.01 14.17 -48.07
CA THR B 43 55.52 15.40 -48.67
C THR B 43 55.41 15.33 -50.19
N GLY B 44 54.94 14.19 -50.68
CA GLY B 44 54.81 13.99 -52.11
C GLY B 44 53.40 14.23 -52.61
N LYS B 45 53.27 14.44 -53.92
CA LYS B 45 51.95 14.67 -54.53
C LYS B 45 51.14 13.39 -54.61
N VAL B 46 49.83 13.51 -54.41
CA VAL B 46 48.93 12.38 -54.50
C VAL B 46 48.46 12.18 -55.93
N LEU B 47 48.82 11.03 -56.51
CA LEU B 47 48.42 10.71 -57.87
C LEU B 47 46.95 10.31 -57.92
N SER B 48 46.59 9.33 -57.10
CA SER B 48 45.21 8.84 -57.08
C SER B 48 44.89 8.08 -55.80
N ILE B 49 43.66 8.23 -55.32
CA ILE B 49 43.17 7.48 -54.17
C ILE B 49 41.87 6.78 -54.55
N LYS B 50 41.94 5.46 -54.71
CA LYS B 50 40.80 4.70 -55.20
C LYS B 50 40.41 3.54 -54.28
N TYR B 51 39.15 3.13 -54.37
CA TYR B 51 38.70 1.92 -53.70
C TYR B 51 39.14 0.70 -54.49
N ALA B 52 39.54 -0.35 -53.78
CA ALA B 52 40.01 -1.57 -54.43
C ALA B 52 38.89 -2.28 -55.20
N ASP B 53 37.65 -2.04 -54.77
CA ASP B 53 36.50 -2.66 -55.42
C ASP B 53 35.83 -1.74 -56.44
N GLY B 54 36.45 -0.57 -56.65
CA GLY B 54 35.93 0.38 -57.62
C GLY B 54 35.37 1.64 -56.97
N GLY B 55 35.51 2.76 -57.64
CA GLY B 55 35.02 4.02 -57.14
C GLY B 55 36.08 4.78 -56.37
N GLU B 56 35.82 6.06 -56.11
CA GLU B 56 36.76 6.90 -55.39
C GLU B 56 36.13 7.59 -54.18
N PRO B 57 36.83 7.56 -53.04
CA PRO B 57 36.42 8.37 -51.88
C PRO B 57 36.75 9.84 -52.11
N VAL B 58 36.53 10.66 -51.08
CA VAL B 58 36.86 12.08 -51.17
C VAL B 58 38.11 12.35 -50.35
N TYR B 59 39.01 13.19 -50.88
CA TYR B 59 40.21 13.56 -50.13
C TYR B 59 40.67 14.97 -50.48
N ASN B 60 41.24 15.65 -49.48
CA ASN B 60 41.82 16.98 -49.69
C ASN B 60 43.22 17.03 -49.10
N VAL B 61 44.05 17.92 -49.63
CA VAL B 61 45.44 18.02 -49.17
C VAL B 61 45.73 19.39 -48.57
N ASN B 62 46.15 19.39 -47.31
CA ASN B 62 46.50 20.61 -46.60
C ASN B 62 47.91 20.51 -46.04
N GLY B 63 48.87 21.10 -46.74
CA GLY B 63 50.26 21.01 -46.36
C GLY B 63 50.79 19.60 -46.52
N ASN B 64 51.38 19.06 -45.47
CA ASN B 64 51.86 17.68 -45.48
C ASN B 64 50.80 16.70 -44.97
N LEU B 65 49.54 17.13 -44.95
CA LEU B 65 48.47 16.32 -44.40
C LEU B 65 47.38 16.00 -45.43
N VAL B 66 47.04 14.73 -45.55
CA VAL B 66 45.98 14.30 -46.46
C VAL B 66 44.79 13.75 -45.69
N THR B 67 43.62 14.35 -45.89
CA THR B 67 42.41 13.93 -45.19
C THR B 67 41.45 13.19 -46.11
N ILE B 68 41.30 11.90 -45.89
CA ILE B 68 40.40 11.08 -46.70
C ILE B 68 39.01 11.00 -46.09
N ASP B 69 37.99 11.30 -46.90
CA ASP B 69 36.60 11.20 -46.46
C ASP B 69 35.93 10.01 -47.14
N LEU B 70 35.34 9.13 -46.34
CA LEU B 70 34.73 7.92 -46.86
C LEU B 70 33.27 8.14 -47.26
N THR B 71 32.72 9.28 -46.85
CA THR B 71 31.32 9.64 -47.09
C THR B 71 30.36 8.50 -46.73
N TRP B 72 29.67 7.97 -47.74
CA TRP B 72 28.63 6.98 -47.52
C TRP B 72 29.17 5.58 -47.23
N ARG B 73 30.48 5.43 -47.25
CA ARG B 73 31.10 4.14 -46.96
C ARG B 73 31.81 4.14 -45.62
N GLY B 74 31.66 5.24 -44.86
CA GLY B 74 32.32 5.38 -43.58
C GLY B 74 31.67 4.61 -42.45
N ILE B 75 30.66 3.81 -42.78
CA ILE B 75 29.96 3.01 -41.78
C ILE B 75 30.37 1.55 -41.88
N PHE B 76 30.96 1.03 -40.80
CA PHE B 76 31.46 -0.34 -40.80
C PHE B 76 30.72 -1.24 -39.82
N HIS B 77 29.65 -1.88 -40.31
CA HIS B 77 28.95 -2.88 -39.52
C HIS B 77 29.75 -4.18 -39.48
N LEU B 78 29.17 -5.21 -38.87
CA LEU B 78 29.85 -6.50 -38.72
C LEU B 78 30.29 -7.10 -40.06
N ASN B 79 31.52 -7.58 -40.11
CA ASN B 79 32.08 -8.21 -41.29
C ASN B 79 32.03 -7.31 -42.52
N THR B 80 32.52 -6.08 -42.35
CA THR B 80 32.57 -5.11 -43.44
C THR B 80 33.99 -4.62 -43.66
N THR B 81 34.44 -4.67 -44.92
CA THR B 81 35.83 -4.30 -45.24
C THR B 81 35.90 -3.28 -46.37
N VAL B 82 36.74 -2.26 -46.18
CA VAL B 82 37.00 -1.28 -47.22
C VAL B 82 38.50 -1.11 -47.45
N LYS B 83 38.94 -1.36 -48.68
CA LYS B 83 40.35 -1.26 -49.01
C LYS B 83 40.64 -0.02 -49.85
N ILE B 84 41.51 0.84 -49.35
CA ILE B 84 41.85 2.08 -50.03
C ILE B 84 43.25 2.02 -50.66
N ILE B 85 43.34 2.35 -51.94
CA ILE B 85 44.62 2.32 -52.64
C ILE B 85 45.12 3.73 -52.92
N ILE B 86 46.27 4.06 -52.34
CA ILE B 86 46.84 5.40 -52.46
C ILE B 86 48.13 5.38 -53.26
N GLU B 87 48.18 6.18 -54.32
CA GLU B 87 49.36 6.26 -55.17
C GLU B 87 50.05 7.61 -55.01
N ILE B 88 51.30 7.57 -54.55
CA ILE B 88 52.02 8.80 -54.21
C ILE B 88 53.25 8.99 -55.08
N GLN B 89 53.39 10.20 -55.64
CA GLN B 89 54.60 10.59 -56.34
C GLN B 89 55.63 11.10 -55.33
N LYS B 90 56.84 10.55 -55.37
CA LYS B 90 57.87 10.90 -54.41
C LYS B 90 58.33 12.35 -54.55
N SER B 91 58.33 13.06 -53.43
CA SER B 91 58.75 14.45 -53.38
C SER B 91 59.04 14.87 -51.94
N GLY B 92 60.02 15.75 -51.76
CA GLY B 92 60.35 16.28 -50.45
C GLY B 92 61.12 15.31 -49.57
N ASP B 93 61.11 15.58 -48.27
CA ASP B 93 61.85 14.78 -47.31
C ASP B 93 61.23 13.40 -47.11
N ASN B 94 59.92 13.36 -46.87
CA ASN B 94 59.24 12.13 -46.48
C ASN B 94 58.02 11.83 -47.33
N PRO B 95 58.23 11.30 -48.54
CA PRO B 95 57.12 10.94 -49.43
C PRO B 95 56.32 9.75 -48.94
N TYR B 96 56.97 8.87 -48.17
CA TYR B 96 56.31 7.69 -47.62
C TYR B 96 55.15 8.06 -46.71
N PRO B 97 53.93 7.61 -47.06
CA PRO B 97 52.75 7.83 -46.23
C PRO B 97 52.94 7.28 -44.82
N HIS B 98 52.82 8.16 -43.83
CA HIS B 98 53.06 7.77 -42.44
C HIS B 98 52.07 8.44 -41.49
N ASN B 99 52.11 8.00 -40.23
CA ASN B 99 51.27 8.55 -39.17
C ASN B 99 49.78 8.51 -39.54
N PHE B 100 49.31 7.35 -39.98
CA PHE B 100 47.90 7.16 -40.30
C PHE B 100 47.05 7.26 -39.04
N LYS B 101 46.10 8.19 -39.04
CA LYS B 101 45.20 8.35 -37.92
C LYS B 101 43.75 8.16 -38.35
N ILE B 102 43.13 7.07 -37.90
CA ILE B 102 41.70 6.85 -38.12
C ILE B 102 40.91 7.62 -37.08
N HIS B 103 39.97 8.45 -37.54
CA HIS B 103 39.18 9.28 -36.64
C HIS B 103 37.72 8.85 -36.62
N TYR B 104 37.30 8.24 -35.50
CA TYR B 104 35.91 7.87 -35.32
C TYR B 104 35.02 9.10 -35.24
N LEU B 105 33.76 8.96 -35.64
CA LEU B 105 32.82 10.07 -35.54
C LEU B 105 32.44 10.29 -34.09
N ARG B 106 33.39 10.86 -33.34
CA ARG B 106 33.21 11.13 -31.92
C ARG B 106 34.35 12.00 -31.41
N GLY B 107 34.03 13.01 -30.60
CA GLY B 107 35.04 13.87 -30.03
C GLY B 107 36.06 13.11 -29.22
N GLU B 108 37.31 13.10 -29.71
CA GLU B 108 38.38 12.36 -29.06
C GLU B 108 38.81 13.02 -27.76
N SER B 109 38.39 14.26 -27.57
CA SER B 109 38.78 15.02 -26.39
C SER B 109 37.66 15.08 -25.35
N ILE B 110 36.73 14.14 -25.43
CA ILE B 110 35.57 14.14 -24.54
C ILE B 110 35.99 13.83 -23.10
N ILE B 111 35.50 14.64 -22.17
CA ILE B 111 35.93 14.54 -20.78
C ILE B 111 34.93 13.79 -19.91
N TYR B 112 35.39 12.69 -19.32
CA TYR B 112 34.59 11.93 -18.37
C TYR B 112 35.34 11.80 -17.05
N PRO B 113 35.07 12.73 -16.11
CA PRO B 113 35.76 12.83 -14.83
C PRO B 113 35.69 11.54 -14.01
N THR B 114 36.82 11.14 -13.43
CA THR B 114 36.85 9.97 -12.57
C THR B 114 36.43 10.36 -11.15
N ILE B 115 35.32 9.79 -10.68
CA ILE B 115 34.80 10.08 -9.36
C ILE B 115 35.77 9.58 -8.28
N GLY B 116 36.04 8.27 -8.31
CA GLY B 116 36.96 7.66 -7.37
C GLY B 116 37.40 6.30 -7.88
N GLU B 117 38.44 5.76 -7.25
CA GLU B 117 38.99 4.48 -7.70
C GLU B 117 39.23 3.54 -6.52
N LEU B 118 38.99 2.25 -6.75
CA LEU B 118 39.32 1.22 -5.78
C LEU B 118 40.83 1.21 -5.52
N PRO B 119 41.23 0.82 -4.31
CA PRO B 119 42.66 0.72 -3.98
C PRO B 119 43.42 -0.15 -4.98
N ALA B 120 44.64 0.23 -5.31
CA ALA B 120 45.43 -0.48 -6.32
C ALA B 120 45.68 -1.93 -5.91
N SER B 121 45.59 -2.20 -4.61
CA SER B 121 45.81 -3.53 -4.09
C SER B 121 44.62 -4.45 -4.35
N TRP B 122 43.50 -3.90 -4.79
CA TRP B 122 42.30 -4.69 -5.02
C TRP B 122 42.48 -5.64 -6.20
N LYS B 123 42.05 -6.88 -6.02
CA LYS B 123 42.13 -7.89 -7.06
C LYS B 123 40.95 -8.85 -6.97
N PRO B 124 40.42 -9.29 -8.12
CA PRO B 124 39.26 -10.19 -8.17
C PRO B 124 39.49 -11.50 -7.43
N GLY B 125 38.64 -11.79 -6.46
CA GLY B 125 38.76 -13.01 -5.68
C GLY B 125 38.62 -12.79 -4.20
N ASN B 126 39.76 -12.71 -3.51
CA ASN B 126 39.77 -12.55 -2.06
C ASN B 126 40.41 -11.24 -1.62
N PHE B 127 39.62 -10.17 -1.65
CA PHE B 127 40.07 -8.85 -1.23
C PHE B 127 39.79 -8.61 0.25
N THR B 128 40.53 -7.68 0.85
CA THR B 128 40.33 -7.35 2.25
C THR B 128 39.62 -6.01 2.38
N LEU B 129 39.16 -5.68 3.59
CA LEU B 129 38.49 -4.42 3.84
C LEU B 129 39.43 -3.24 3.59
N SER B 130 40.72 -3.48 3.78
CA SER B 130 41.73 -2.47 3.51
C SER B 130 41.94 -2.32 2.00
N ASP B 131 41.63 -3.37 1.27
CA ASP B 131 41.70 -3.33 -0.20
C ASP B 131 40.43 -2.71 -0.77
N LEU B 132 39.52 -2.32 0.11
CA LEU B 132 38.27 -1.69 -0.29
C LEU B 132 38.25 -0.22 0.14
N ILE B 133 38.90 0.05 1.27
CA ILE B 133 38.93 1.40 1.83
C ILE B 133 40.36 1.85 2.12
N ALA B 134 40.79 2.91 1.44
CA ALA B 134 42.12 3.46 1.64
C ALA B 134 42.15 4.35 2.88
N ASP B 135 41.13 5.19 3.02
CA ASP B 135 41.01 6.08 4.17
C ASP B 135 39.70 5.81 4.90
N PRO B 136 39.78 5.11 6.04
CA PRO B 136 38.60 4.77 6.85
C PRO B 136 37.84 6.00 7.34
N LYS B 137 38.57 7.06 7.67
CA LYS B 137 37.95 8.27 8.19
C LYS B 137 37.19 9.03 7.11
N SER B 138 37.80 9.17 5.94
CA SER B 138 37.17 9.87 4.84
C SER B 138 35.99 9.09 4.26
N TYR B 139 36.10 7.77 4.29
CA TYR B 139 35.06 6.89 3.76
C TYR B 139 33.77 7.03 4.54
N TYR B 140 33.88 7.05 5.88
CA TYR B 140 32.72 7.15 6.75
C TYR B 140 32.52 8.56 7.28
N ASP B 141 33.18 9.53 6.66
CA ASP B 141 33.08 10.92 7.08
C ASP B 141 31.69 11.48 6.81
N PRO B 142 30.98 11.87 7.88
CA PRO B 142 29.64 12.45 7.74
C PRO B 142 29.68 13.91 7.31
N HIS B 143 30.86 14.52 7.39
CA HIS B 143 31.03 15.92 7.00
C HIS B 143 30.85 16.09 5.50
N VAL B 144 29.97 17.01 5.12
CA VAL B 144 29.70 17.28 3.70
C VAL B 144 30.09 18.71 3.35
N LYS B 145 30.87 18.86 2.30
CA LYS B 145 31.29 20.18 1.83
C LYS B 145 30.55 20.54 0.55
N PRO B 146 30.00 21.76 0.48
CA PRO B 146 29.23 22.25 -0.67
C PRO B 146 30.00 22.17 -1.98
N HIS B 147 29.34 21.71 -3.04
CA HIS B 147 29.93 21.69 -4.37
C HIS B 147 29.06 22.49 -5.33
N GLN B 148 29.49 22.58 -6.59
CA GLN B 148 28.76 23.34 -7.59
C GLN B 148 28.89 22.68 -8.96
N ASN B 149 28.39 21.46 -9.07
CA ASN B 149 28.46 20.72 -10.33
C ASN B 149 27.12 20.68 -11.04
N GLY B 150 27.15 20.93 -12.35
CA GLY B 150 25.94 20.91 -13.15
C GLY B 150 25.59 19.53 -13.63
N PHE B 151 25.53 19.36 -14.94
CA PHE B 151 25.19 18.08 -15.55
C PHE B 151 26.26 17.03 -15.26
N ILE B 152 27.50 17.34 -15.63
CA ILE B 152 28.61 16.41 -15.39
C ILE B 152 29.33 16.75 -14.09
N MET B 153 29.55 15.74 -13.27
CA MET B 153 30.25 15.93 -12.00
C MET B 153 31.75 16.04 -12.22
N TYR B 154 32.21 17.23 -12.62
CA TYR B 154 33.62 17.47 -12.86
C TYR B 154 34.43 17.46 -11.56
N ASN B 155 33.88 18.10 -10.54
CA ASN B 155 34.53 18.15 -9.23
C ASN B 155 33.70 17.42 -8.18
N PRO B 156 33.95 16.11 -7.99
CA PRO B 156 33.18 15.29 -7.06
C PRO B 156 33.37 15.71 -5.60
N PRO B 157 32.26 15.80 -4.85
CA PRO B 157 32.29 16.20 -3.44
C PRO B 157 32.95 15.15 -2.55
N HIS B 158 32.84 13.89 -2.94
CA HIS B 158 33.45 12.80 -2.19
C HIS B 158 33.72 11.60 -3.11
N PRO B 159 34.90 10.98 -2.97
CA PRO B 159 35.33 9.86 -3.81
C PRO B 159 34.42 8.63 -3.74
N THR B 160 33.91 8.31 -2.56
CA THR B 160 33.13 7.08 -2.39
C THR B 160 31.70 7.31 -1.91
N GLN B 161 31.34 8.57 -1.64
CA GLN B 161 30.03 8.88 -1.10
C GLN B 161 29.09 9.49 -2.14
N ILE B 162 27.82 9.11 -2.07
CA ILE B 162 26.78 9.69 -2.91
C ILE B 162 26.05 10.79 -2.15
N ILE B 163 26.13 12.01 -2.66
CA ILE B 163 25.59 13.17 -1.94
C ILE B 163 24.36 13.74 -2.64
N ILE B 164 23.22 13.08 -2.43
CA ILE B 164 21.95 13.59 -2.93
C ILE B 164 21.37 14.59 -1.93
N GLY B 165 21.59 15.87 -2.20
CA GLY B 165 21.19 16.92 -1.29
C GLY B 165 19.70 17.18 -1.26
N LEU B 166 19.01 16.58 -0.29
CA LEU B 166 17.58 16.79 -0.11
C LEU B 166 17.32 18.12 0.60
N ALA B 167 17.05 19.16 -0.19
CA ALA B 167 16.86 20.50 0.37
C ALA B 167 15.49 21.06 0.05
N ASP B 168 15.11 22.10 0.79
CA ASP B 168 13.85 22.81 0.52
C ASP B 168 14.07 23.83 -0.58
N ILE B 169 13.05 24.02 -1.42
CA ILE B 169 13.17 24.92 -2.56
C ILE B 169 12.31 26.16 -2.39
N ASP B 170 12.94 27.30 -2.15
CA ASP B 170 12.23 28.56 -2.05
C ASP B 170 11.79 29.03 -3.44
N TYR B 171 12.47 28.52 -4.46
CA TYR B 171 12.14 28.84 -5.84
C TYR B 171 10.84 28.16 -6.26
N PRO B 172 9.96 28.90 -6.97
CA PRO B 172 8.68 28.35 -7.42
C PRO B 172 8.84 27.23 -8.45
N LEU B 173 8.57 26.00 -8.04
CA LEU B 173 8.68 24.84 -8.94
C LEU B 173 7.33 24.46 -9.52
N ASN B 174 7.19 24.63 -10.84
CA ASN B 174 5.96 24.31 -11.55
C ASN B 174 4.72 24.95 -10.93
N LEU B 175 4.74 26.27 -10.85
CA LEU B 175 3.61 27.06 -10.34
C LEU B 175 3.25 26.73 -8.90
N ALA B 176 4.25 26.33 -8.11
CA ALA B 176 4.05 26.06 -6.69
C ALA B 176 4.79 27.09 -5.84
N SER B 177 4.30 27.31 -4.62
CA SER B 177 4.93 28.26 -3.71
C SER B 177 6.34 27.79 -3.33
N SER B 178 6.42 26.55 -2.83
CA SER B 178 7.70 25.96 -2.49
C SER B 178 7.64 24.44 -2.69
N ALA B 179 8.76 23.76 -2.50
CA ALA B 179 8.81 22.32 -2.66
C ALA B 179 9.98 21.72 -1.88
N ARG B 180 10.07 20.39 -1.89
CA ARG B 180 11.11 19.69 -1.15
C ARG B 180 11.60 18.49 -1.94
N MET B 181 12.92 18.37 -2.08
CA MET B 181 13.50 17.26 -2.84
C MET B 181 13.34 15.95 -2.09
N TRP B 182 12.90 14.91 -2.80
CA TRP B 182 12.53 13.66 -2.17
C TRP B 182 12.81 12.46 -3.08
N VAL B 183 13.55 11.49 -2.56
CA VAL B 183 13.84 10.26 -3.29
C VAL B 183 12.73 9.23 -3.07
N PRO B 184 12.04 8.85 -4.16
CA PRO B 184 10.91 7.92 -4.12
C PRO B 184 11.23 6.60 -3.42
N ASN B 185 12.27 5.89 -3.86
CA ASN B 185 12.67 4.65 -3.21
C ASN B 185 14.17 4.38 -3.31
N LYS B 186 14.58 3.22 -2.81
CA LYS B 186 15.98 2.83 -2.78
C LYS B 186 16.49 2.39 -4.16
N TYR B 187 15.63 1.73 -4.92
CA TYR B 187 16.01 1.21 -6.22
C TYR B 187 16.27 2.36 -7.21
N PHE B 188 15.44 3.39 -7.12
CA PHE B 188 15.62 4.59 -7.93
C PHE B 188 16.91 5.31 -7.57
N ALA B 189 17.22 5.31 -6.27
CA ALA B 189 18.45 5.93 -5.78
C ALA B 189 19.66 5.18 -6.31
N MET B 190 19.57 3.85 -6.34
CA MET B 190 20.62 3.02 -6.91
C MET B 190 20.74 3.27 -8.40
N GLY B 191 19.61 3.59 -9.03
CA GLY B 191 19.59 3.95 -10.43
C GLY B 191 20.38 5.23 -10.67
N LEU B 192 20.13 6.23 -9.83
CA LEU B 192 20.87 7.48 -9.89
C LEU B 192 22.35 7.23 -9.63
N ALA B 193 22.62 6.25 -8.78
CA ALA B 193 23.98 5.91 -8.40
C ALA B 193 24.76 5.31 -9.58
N LEU B 194 24.14 4.36 -10.28
CA LEU B 194 24.76 3.78 -11.45
C LEU B 194 24.89 4.83 -12.56
N ALA B 195 23.88 5.67 -12.70
CA ALA B 195 23.93 6.75 -13.68
C ALA B 195 25.05 7.72 -13.35
N TYR B 196 25.41 7.78 -12.07
CA TYR B 196 26.45 8.71 -11.61
C TYR B 196 27.85 8.13 -11.75
N GLU B 197 27.99 6.82 -11.53
CA GLU B 197 29.29 6.17 -11.58
C GLU B 197 29.66 5.78 -13.02
N TRP B 198 28.65 5.53 -13.85
CA TRP B 198 28.88 5.08 -15.21
C TRP B 198 29.15 6.23 -16.17
N PHE B 199 28.19 7.15 -16.27
CA PHE B 199 28.28 8.24 -17.24
C PHE B 199 28.63 9.57 -16.56
N LYS B 200 29.04 9.49 -15.30
CA LYS B 200 29.53 10.64 -14.54
C LYS B 200 28.51 11.76 -14.43
N VAL B 201 27.23 11.39 -14.35
CA VAL B 201 26.14 12.36 -14.27
C VAL B 201 25.77 12.67 -12.82
N ASN B 202 25.75 13.95 -12.48
CA ASN B 202 25.38 14.41 -11.15
C ASN B 202 23.95 14.01 -10.78
N PRO B 203 23.79 13.21 -9.72
CA PRO B 203 22.48 12.75 -9.25
C PRO B 203 21.52 13.90 -8.94
N ASN B 204 22.04 14.99 -8.39
CA ASN B 204 21.22 16.17 -8.10
C ASN B 204 20.59 16.74 -9.35
N PHE B 205 21.33 16.70 -10.46
CA PHE B 205 20.81 17.19 -11.73
C PHE B 205 19.65 16.34 -12.22
N LEU B 206 19.78 15.03 -12.10
CA LEU B 206 18.70 14.12 -12.51
C LEU B 206 17.48 14.32 -11.62
N MET B 207 17.72 14.56 -10.33
CA MET B 207 16.65 14.87 -9.38
C MET B 207 15.90 16.11 -9.83
N ALA B 208 16.64 17.18 -10.07
CA ALA B 208 16.05 18.45 -10.52
C ALA B 208 15.25 18.26 -11.81
N LEU B 209 15.84 17.52 -12.74
CA LEU B 209 15.21 17.27 -14.03
C LEU B 209 13.88 16.55 -13.87
N ALA B 210 13.88 15.47 -13.09
CA ALA B 210 12.67 14.70 -12.87
C ALA B 210 11.60 15.53 -12.16
N ALA B 211 12.05 16.33 -11.19
CA ALA B 211 11.15 17.21 -10.44
C ALA B 211 10.46 18.21 -11.36
N LYS B 212 11.24 18.84 -12.24
CA LYS B 212 10.70 19.80 -13.18
C LYS B 212 9.80 19.14 -14.22
N GLU B 213 10.16 17.94 -14.64
CA GLU B 213 9.46 17.25 -15.71
C GLU B 213 8.11 16.69 -15.28
N ASN B 214 8.05 16.05 -14.12
CA ASN B 214 6.81 15.40 -13.70
C ASN B 214 6.70 15.20 -12.18
N TRP B 215 7.28 16.10 -11.42
CA TRP B 215 7.25 16.02 -9.95
C TRP B 215 7.74 14.68 -9.43
N GLY B 216 8.62 14.03 -10.19
CA GLY B 216 9.07 12.69 -9.86
C GLY B 216 9.92 12.62 -8.61
N THR B 217 10.60 13.72 -8.29
CA THR B 217 11.53 13.73 -7.17
C THR B 217 11.30 14.91 -6.24
N ALA B 218 10.08 15.43 -6.22
CA ALA B 218 9.76 16.58 -5.37
C ALA B 218 8.36 16.53 -4.81
N VAL B 219 8.21 17.00 -3.57
CA VAL B 219 6.90 17.15 -2.95
C VAL B 219 6.73 18.59 -2.47
N THR B 220 5.49 19.03 -2.29
CA THR B 220 5.22 20.41 -1.92
C THR B 220 4.19 20.53 -0.81
N LYS B 221 4.25 21.64 -0.07
CA LYS B 221 3.26 21.95 0.96
C LYS B 221 2.12 22.78 0.38
N ASP B 222 2.29 23.21 -0.87
CA ASP B 222 1.30 24.06 -1.54
C ASP B 222 -0.05 23.35 -1.65
N PRO B 223 -1.06 23.88 -0.96
CA PRO B 223 -2.41 23.30 -0.93
C PRO B 223 -3.08 23.31 -2.30
N ALA B 224 -2.58 24.14 -3.21
CA ALA B 224 -3.18 24.30 -4.52
C ALA B 224 -2.94 23.08 -5.42
N PHE B 225 -2.03 22.21 -5.01
CA PHE B 225 -1.71 21.03 -5.80
C PHE B 225 -2.27 19.75 -5.20
N LYS B 226 -2.95 18.98 -6.05
CA LYS B 226 -3.50 17.69 -5.64
C LYS B 226 -2.51 16.59 -5.99
N GLY B 227 -2.60 15.47 -5.27
CA GLY B 227 -1.71 14.35 -5.51
C GLY B 227 -1.74 13.32 -4.41
N TYR B 228 -0.66 12.56 -4.28
CA TYR B 228 -0.57 11.50 -3.29
C TYR B 228 -0.03 12.04 -1.96
N LYS B 229 -0.39 11.38 -0.87
CA LYS B 229 0.05 11.81 0.46
C LYS B 229 1.39 11.21 0.81
N VAL B 230 2.35 12.07 1.12
CA VAL B 230 3.70 11.63 1.49
C VAL B 230 4.11 12.21 2.83
N ILE B 231 4.66 11.37 3.70
CA ILE B 231 5.04 11.80 5.04
C ILE B 231 6.55 11.85 5.21
N ILE B 232 7.07 13.05 5.46
CA ILE B 232 8.50 13.25 5.67
C ILE B 232 8.75 14.03 6.95
N ASP B 233 9.55 13.44 7.84
CA ASP B 233 9.87 14.06 9.13
C ASP B 233 8.62 14.43 9.92
N GLU B 234 7.72 13.46 10.07
CA GLU B 234 6.46 13.64 10.81
C GLU B 234 5.60 14.77 10.25
N GLU B 235 5.73 15.04 8.95
CA GLU B 235 4.94 16.07 8.30
C GLU B 235 4.39 15.57 6.97
N GLU B 236 3.14 15.92 6.67
CA GLU B 236 2.49 15.49 5.44
C GLU B 236 2.87 16.37 4.26
N TYR B 237 3.05 15.75 3.09
CA TYR B 237 3.38 16.48 1.87
C TYR B 237 2.54 16.00 0.69
N TYR B 238 2.51 16.81 -0.36
CA TYR B 238 1.79 16.47 -1.59
C TYR B 238 2.74 16.05 -2.69
N TRP B 239 2.44 14.92 -3.34
CA TRP B 239 3.26 14.44 -4.45
C TRP B 239 2.45 14.41 -5.74
N PRO B 240 2.45 15.54 -6.47
CA PRO B 240 1.65 15.69 -7.70
C PRO B 240 2.32 15.08 -8.93
N VAL B 241 2.72 13.82 -8.83
CA VAL B 241 3.35 13.12 -9.95
C VAL B 241 2.29 12.39 -10.78
N GLN B 242 2.44 12.42 -12.09
CA GLN B 242 1.59 11.61 -12.96
C GLN B 242 2.23 10.25 -13.16
N ILE B 243 1.97 9.35 -12.21
CA ILE B 243 2.67 8.07 -12.14
C ILE B 243 2.27 7.10 -13.26
N ASP B 244 1.21 7.43 -13.99
CA ASP B 244 0.73 6.56 -15.06
C ASP B 244 1.22 7.01 -16.44
N HIS B 245 1.98 8.10 -16.48
CA HIS B 245 2.48 8.62 -17.75
C HIS B 245 3.52 7.67 -18.35
N PRO B 246 3.32 7.31 -19.64
CA PRO B 246 4.21 6.38 -20.35
C PRO B 246 5.65 6.85 -20.45
N ASP B 247 5.86 8.16 -20.36
CA ASP B 247 7.20 8.74 -20.49
C ASP B 247 7.95 8.74 -19.18
N GLY B 248 7.27 8.37 -18.10
CA GLY B 248 7.90 8.31 -16.79
C GLY B 248 8.11 9.66 -16.17
N ILE B 249 8.90 9.69 -15.10
CA ILE B 249 9.13 10.93 -14.34
C ILE B 249 10.12 11.87 -15.04
N PHE B 250 10.84 11.34 -16.03
CA PHE B 250 11.80 12.14 -16.77
C PHE B 250 11.22 12.64 -18.09
N GLN B 251 10.02 12.17 -18.40
CA GLN B 251 9.32 12.55 -19.63
C GLN B 251 10.16 12.29 -20.88
N VAL B 252 10.64 11.07 -21.03
CA VAL B 252 11.40 10.68 -22.21
C VAL B 252 10.45 10.17 -23.30
N GLU B 253 10.42 10.88 -24.42
CA GLU B 253 9.53 10.51 -25.53
C GLU B 253 10.00 9.23 -26.21
N SER B 254 9.09 8.59 -26.94
CA SER B 254 9.39 7.33 -27.62
C SER B 254 10.41 7.52 -28.74
N GLY B 255 10.31 8.64 -29.45
CA GLY B 255 11.24 8.96 -30.52
C GLY B 255 12.66 9.10 -29.99
N ASN B 256 12.79 9.83 -28.89
CA ASN B 256 14.07 10.02 -28.22
C ASN B 256 14.66 8.67 -27.77
N PHE B 257 13.80 7.87 -27.13
CA PHE B 257 14.19 6.55 -26.64
C PHE B 257 14.71 5.66 -27.76
N ASN B 258 13.92 5.53 -28.83
CA ASN B 258 14.31 4.71 -29.97
C ASN B 258 15.55 5.24 -30.67
N GLN B 259 15.70 6.56 -30.68
CA GLN B 259 16.86 7.19 -31.30
C GLN B 259 18.15 6.85 -30.54
N ILE B 260 18.18 7.12 -29.25
CA ILE B 260 19.37 6.82 -28.46
C ILE B 260 19.59 5.31 -28.37
N LYS B 261 18.52 4.54 -28.49
CA LYS B 261 18.62 3.09 -28.57
C LYS B 261 19.38 2.70 -29.83
N ALA B 262 19.07 3.40 -30.93
CA ALA B 262 19.77 3.18 -32.19
C ALA B 262 21.23 3.61 -32.10
N TYR B 263 21.49 4.68 -31.36
CA TYR B 263 22.85 5.19 -31.18
C TYR B 263 23.71 4.23 -30.38
N TYR B 264 23.09 3.56 -29.40
CA TYR B 264 23.83 2.75 -28.43
C TYR B 264 23.41 1.28 -28.42
N PRO B 265 23.93 0.49 -29.37
CA PRO B 265 23.65 -0.95 -29.38
C PRO B 265 24.28 -1.67 -28.20
N ASP B 266 25.35 -1.09 -27.66
CA ASP B 266 26.08 -1.69 -26.55
C ASP B 266 25.30 -1.58 -25.24
N ILE B 267 24.47 -0.53 -25.13
CA ILE B 267 23.72 -0.29 -23.91
C ILE B 267 22.32 -0.88 -23.98
N PHE B 268 21.63 -0.64 -25.09
CA PHE B 268 20.25 -1.10 -25.23
C PHE B 268 20.16 -2.40 -26.03
N PRO B 269 19.55 -3.43 -25.43
CA PRO B 269 19.23 -4.67 -26.14
C PRO B 269 18.21 -4.41 -27.24
N ASP B 270 18.10 -5.34 -28.19
CA ASP B 270 17.15 -5.20 -29.29
C ASP B 270 15.70 -5.22 -28.81
N THR B 271 15.49 -5.82 -27.65
CA THR B 271 14.15 -5.98 -27.10
C THR B 271 13.73 -4.80 -26.22
N ALA B 272 14.54 -3.76 -26.18
CA ALA B 272 14.26 -2.60 -25.33
C ALA B 272 13.04 -1.82 -25.82
N ASP B 273 12.04 -1.71 -24.94
CA ASP B 273 10.81 -0.98 -25.26
C ASP B 273 10.66 0.25 -24.37
N HIS B 274 10.20 1.35 -24.97
CA HIS B 274 10.07 2.63 -24.26
C HIS B 274 9.25 2.54 -22.98
N ASP B 275 8.02 2.03 -23.10
CA ASP B 275 7.12 1.94 -21.96
C ASP B 275 7.69 1.12 -20.82
N ASP B 276 8.25 -0.04 -21.15
CA ASP B 276 8.80 -0.95 -20.16
C ASP B 276 9.96 -0.31 -19.38
N TYR B 277 10.71 0.55 -20.06
CA TYR B 277 11.88 1.17 -19.47
C TYR B 277 11.58 2.47 -18.71
N MET B 278 10.53 3.17 -19.15
CA MET B 278 10.27 4.50 -18.62
C MET B 278 9.09 4.59 -17.67
N LYS B 279 8.03 3.85 -17.97
CA LYS B 279 6.80 3.94 -17.17
C LYS B 279 6.96 3.35 -15.78
N VAL B 280 7.10 4.23 -14.79
CA VAL B 280 7.17 3.81 -13.39
C VAL B 280 5.78 3.51 -12.84
N SER B 281 5.72 3.19 -11.56
CA SER B 281 4.46 2.90 -10.90
C SER B 281 4.54 3.22 -9.41
N LEU B 282 3.40 3.13 -8.73
CA LEU B 282 3.36 3.40 -7.29
C LEU B 282 4.19 2.37 -6.53
N ASP B 283 4.33 1.17 -7.10
CA ASP B 283 5.11 0.11 -6.50
C ASP B 283 6.61 0.34 -6.73
N PRO B 284 7.37 0.48 -5.63
CA PRO B 284 8.83 0.66 -5.70
C PRO B 284 9.53 -0.50 -6.42
N ASN B 285 8.91 -1.68 -6.39
CA ASN B 285 9.50 -2.87 -7.00
C ASN B 285 9.50 -2.83 -8.52
N ASP B 286 8.93 -1.78 -9.10
CA ASP B 286 8.90 -1.61 -10.54
C ASP B 286 10.31 -1.41 -11.09
N THR B 287 10.65 -2.16 -12.12
CA THR B 287 11.98 -2.14 -12.71
C THR B 287 12.33 -0.78 -13.31
N ALA B 288 11.29 -0.05 -13.72
CA ALA B 288 11.47 1.26 -14.35
C ALA B 288 12.23 2.21 -13.44
N TRP B 289 11.95 2.12 -12.14
CA TRP B 289 12.63 2.95 -11.14
C TRP B 289 14.14 2.83 -11.24
N ILE B 290 14.62 1.68 -11.69
CA ILE B 290 16.05 1.46 -11.87
C ILE B 290 16.50 1.91 -13.26
N THR B 291 15.66 1.67 -14.26
CA THR B 291 16.05 1.90 -15.65
C THR B 291 15.83 3.33 -16.12
N SER B 292 14.75 3.97 -15.66
CA SER B 292 14.40 5.31 -16.10
C SER B 292 15.48 6.38 -15.83
N PRO B 293 16.16 6.35 -14.67
CA PRO B 293 17.21 7.36 -14.53
C PRO B 293 18.37 7.14 -15.51
N ILE B 294 18.91 5.92 -15.51
CA ILE B 294 20.00 5.55 -16.42
C ILE B 294 19.71 6.00 -17.84
N VAL B 295 18.59 5.53 -18.38
CA VAL B 295 18.14 5.93 -19.72
C VAL B 295 18.20 7.44 -19.88
N ALA B 296 17.59 8.15 -18.94
CA ALA B 296 17.58 9.61 -18.97
C ALA B 296 19.01 10.13 -19.13
N ALA B 297 19.89 9.66 -18.25
CA ALA B 297 21.30 10.04 -18.29
C ALA B 297 21.86 9.80 -19.69
N VAL B 298 21.66 8.59 -20.19
CA VAL B 298 22.14 8.22 -21.52
C VAL B 298 21.63 9.23 -22.54
N SER B 299 20.33 9.52 -22.48
CA SER B 299 19.72 10.48 -23.39
C SER B 299 20.50 11.78 -23.32
N LEU B 300 20.65 12.30 -22.11
CA LEU B 300 21.40 13.52 -21.88
C LEU B 300 22.81 13.37 -22.47
N THR B 301 23.43 12.24 -22.15
CA THR B 301 24.79 11.97 -22.60
C THR B 301 24.86 12.12 -24.11
N MET B 302 23.85 11.59 -24.81
CA MET B 302 23.81 11.64 -26.26
C MET B 302 24.09 13.05 -26.73
N GLU B 303 23.32 13.99 -26.20
CA GLU B 303 23.44 15.39 -26.58
C GLU B 303 24.89 15.83 -26.48
N ARG B 304 25.48 15.62 -25.30
CA ARG B 304 26.87 15.97 -25.07
C ARG B 304 27.75 15.36 -26.15
N GLU B 305 27.63 14.04 -26.30
CA GLU B 305 28.39 13.30 -27.31
C GLU B 305 28.24 13.98 -28.66
N LEU B 306 27.00 14.28 -29.03
CA LEU B 306 26.71 14.86 -30.33
C LEU B 306 27.51 16.14 -30.52
N LEU B 307 27.47 17.00 -29.51
CA LEU B 307 28.20 18.26 -29.57
C LEU B 307 29.68 17.97 -29.74
N TYR B 308 30.21 17.03 -28.96
CA TYR B 308 31.61 16.67 -29.04
C TYR B 308 31.97 16.15 -30.43
N ALA B 309 31.00 15.55 -31.10
CA ALA B 309 31.24 14.95 -32.39
C ALA B 309 31.28 16.00 -33.50
N ALA B 310 30.79 17.20 -33.20
CA ALA B 310 30.70 18.26 -34.20
C ALA B 310 31.66 19.40 -33.92
N VAL B 311 31.84 19.71 -32.64
CA VAL B 311 32.61 20.87 -32.22
C VAL B 311 34.04 20.47 -31.84
N GLY B 312 34.23 19.17 -31.62
CA GLY B 312 35.53 18.62 -31.27
C GLY B 312 36.22 19.37 -30.15
N ASP B 313 37.51 19.63 -30.34
CA ASP B 313 38.32 20.36 -29.37
C ASP B 313 37.66 21.65 -28.93
N LYS B 314 36.99 22.33 -29.86
CA LYS B 314 36.41 23.64 -29.58
C LYS B 314 35.45 23.55 -28.40
N TYR B 315 34.74 22.42 -28.30
CA TYR B 315 33.85 22.18 -27.17
C TYR B 315 34.58 22.43 -25.85
N ASN B 316 35.69 21.73 -25.65
CA ASN B 316 36.47 21.92 -24.43
C ASN B 316 36.89 23.37 -24.28
N GLU B 317 37.28 23.98 -25.39
CA GLU B 317 37.71 25.37 -25.38
C GLU B 317 36.58 26.24 -24.84
N PHE B 318 35.35 25.94 -25.26
CA PHE B 318 34.18 26.67 -24.79
C PHE B 318 34.07 26.57 -23.28
N LEU B 319 34.27 25.37 -22.75
CA LEU B 319 34.18 25.13 -21.31
C LEU B 319 35.20 25.95 -20.55
N ARG B 320 36.23 26.42 -21.25
CA ARG B 320 37.29 27.19 -20.62
C ARG B 320 37.07 28.68 -20.81
N LEU B 321 36.28 29.05 -21.82
CA LEU B 321 36.12 30.46 -22.19
C LEU B 321 34.82 31.06 -21.68
N ALA B 322 33.81 30.23 -21.47
CA ALA B 322 32.50 30.70 -21.06
C ALA B 322 32.52 31.34 -19.68
N LYS B 323 32.00 32.56 -19.58
CA LYS B 323 31.90 33.25 -18.30
C LYS B 323 30.84 32.62 -17.41
N ASP B 324 29.86 31.96 -18.04
CA ASP B 324 28.81 31.27 -17.31
C ASP B 324 29.28 29.91 -16.84
N PRO B 325 29.33 29.71 -15.51
CA PRO B 325 29.78 28.45 -14.91
C PRO B 325 28.82 27.29 -15.18
N TRP B 326 27.57 27.61 -15.47
CA TRP B 326 26.54 26.59 -15.66
C TRP B 326 26.14 26.40 -17.12
N ALA B 327 26.80 27.16 -18.01
CA ALA B 327 26.45 27.21 -19.43
C ALA B 327 26.22 25.85 -20.07
N GLU B 328 27.13 24.90 -19.83
CA GLU B 328 27.01 23.56 -20.39
C GLU B 328 25.73 22.89 -19.93
N THR B 329 25.42 23.02 -18.65
CA THR B 329 24.21 22.47 -18.07
C THR B 329 22.97 23.07 -18.72
N GLU B 330 23.03 24.37 -19.00
CA GLU B 330 21.94 25.07 -19.68
C GLU B 330 21.73 24.51 -21.07
N ILE B 331 22.84 24.32 -21.79
CA ILE B 331 22.78 23.78 -23.14
C ILE B 331 22.19 22.37 -23.16
N ILE B 332 22.72 21.50 -22.32
CA ILE B 332 22.26 20.11 -22.26
C ILE B 332 20.80 20.01 -21.84
N ASP B 333 20.41 20.76 -20.82
CA ASP B 333 19.02 20.74 -20.36
C ASP B 333 18.08 21.27 -21.45
N PHE B 334 18.45 22.39 -22.04
CA PHE B 334 17.67 23.00 -23.11
C PHE B 334 17.50 22.06 -24.29
N GLY B 335 18.54 21.26 -24.54
CA GLY B 335 18.48 20.26 -25.59
C GLY B 335 17.59 19.09 -25.20
N TYR B 336 17.56 18.80 -23.91
CA TYR B 336 16.71 17.72 -23.42
C TYR B 336 15.25 18.10 -23.60
N ASN B 337 14.91 19.36 -23.31
CA ASN B 337 13.52 19.79 -23.39
C ASN B 337 13.07 20.14 -24.81
N ARG B 338 13.82 20.99 -25.48
CA ARG B 338 13.41 21.51 -26.79
C ARG B 338 13.93 20.68 -27.96
N GLY B 339 14.91 19.84 -27.70
CA GLY B 339 15.48 19.00 -28.73
C GLY B 339 16.90 19.40 -29.11
N VAL B 340 17.59 18.49 -29.79
CA VAL B 340 18.95 18.73 -30.24
C VAL B 340 18.97 19.80 -31.34
N GLY B 341 17.93 19.78 -32.18
CA GLY B 341 17.80 20.73 -33.26
C GLY B 341 17.74 22.17 -32.78
N ALA B 342 17.22 22.37 -31.58
CA ALA B 342 17.18 23.71 -30.98
C ALA B 342 18.59 24.18 -30.63
N ILE B 343 19.35 23.31 -29.97
CA ILE B 343 20.76 23.56 -29.69
C ILE B 343 21.50 23.94 -30.96
N GLU B 344 21.29 23.13 -32.01
CA GLU B 344 21.92 23.38 -33.30
C GLU B 344 21.51 24.73 -33.86
N ALA B 345 20.25 25.09 -33.66
CA ALA B 345 19.72 26.35 -34.16
C ALA B 345 20.34 27.54 -33.44
N LEU B 346 20.73 27.34 -32.19
CA LEU B 346 21.36 28.39 -31.40
C LEU B 346 22.67 28.89 -32.01
N LYS B 347 23.36 28.00 -32.72
CA LYS B 347 24.67 28.30 -33.32
C LYS B 347 25.65 28.83 -32.29
N ILE B 348 25.68 28.18 -31.13
CA ILE B 348 26.55 28.58 -30.02
C ILE B 348 28.03 28.43 -30.37
N PHE B 349 28.37 27.35 -31.07
CA PHE B 349 29.75 27.08 -31.43
C PHE B 349 30.08 27.57 -32.83
N SER B 350 29.28 28.48 -33.35
CA SER B 350 29.49 29.04 -34.68
C SER B 350 29.36 30.55 -34.68
N ASP B 351 28.28 31.05 -35.27
CA ASP B 351 28.06 32.48 -35.42
C ASP B 351 27.94 33.19 -34.08
N ASN B 352 27.30 32.54 -33.11
CA ASN B 352 27.07 33.15 -31.81
C ASN B 352 28.10 32.71 -30.77
N TRP B 353 29.35 32.57 -31.20
CA TRP B 353 30.43 32.15 -30.31
C TRP B 353 30.73 33.21 -29.25
N GLU B 354 31.00 34.43 -29.70
CA GLU B 354 31.30 35.55 -28.81
C GLU B 354 30.14 35.83 -27.86
N LYS B 355 28.93 35.84 -28.40
CA LYS B 355 27.73 36.06 -27.61
C LYS B 355 27.61 35.01 -26.50
N ALA B 356 28.03 33.79 -26.80
CA ALA B 356 27.95 32.69 -25.85
C ALA B 356 29.01 32.82 -24.76
N ILE B 357 30.26 33.03 -25.15
CA ILE B 357 31.36 33.08 -24.18
C ILE B 357 31.32 34.34 -23.31
N ASN B 358 30.71 35.40 -23.83
CA ASN B 358 30.65 36.66 -23.08
C ASN B 358 29.45 36.73 -22.14
N ALA B 359 28.42 35.96 -22.45
CA ALA B 359 27.19 35.98 -21.66
C ALA B 359 27.42 35.49 -20.23
N GLU B 360 27.08 36.33 -19.27
CA GLU B 360 27.17 35.95 -17.86
C GLU B 360 26.10 34.91 -17.55
N VAL B 361 24.92 35.10 -18.12
CA VAL B 361 23.85 34.11 -18.06
C VAL B 361 23.48 33.69 -19.47
N LEU B 362 23.71 32.42 -19.79
CA LEU B 362 23.58 31.95 -21.17
C LEU B 362 22.12 31.84 -21.62
N TRP B 363 21.29 31.18 -20.83
CA TRP B 363 19.90 30.94 -21.22
C TRP B 363 19.12 32.25 -21.36
N LYS B 364 19.48 33.24 -20.55
CA LYS B 364 18.81 34.53 -20.58
C LYS B 364 19.28 35.35 -21.78
N GLU B 365 20.46 35.00 -22.29
CA GLU B 365 21.04 35.71 -23.42
C GLU B 365 20.54 35.16 -24.74
N PHE B 366 20.38 33.85 -24.82
CA PHE B 366 19.93 33.19 -26.04
C PHE B 366 18.44 32.86 -26.00
N ASN B 367 17.74 33.37 -24.98
CA ASN B 367 16.33 33.08 -24.76
C ASN B 367 16.08 31.56 -24.69
N MET B 368 16.96 30.87 -23.97
CA MET B 368 16.85 29.43 -23.79
C MET B 368 15.96 29.09 -22.59
N GLU B 369 14.77 29.69 -22.56
CA GLU B 369 13.84 29.47 -21.46
C GLU B 369 13.40 28.02 -21.36
N GLY B 370 12.96 27.46 -22.49
CA GLY B 370 12.35 26.15 -22.49
C GLY B 370 10.89 26.28 -22.11
N PHE B 371 10.17 25.16 -22.10
CA PHE B 371 8.75 25.18 -21.77
C PHE B 371 8.54 25.45 -20.28
N GLY B 372 8.05 26.65 -19.97
CA GLY B 372 7.75 27.02 -18.59
C GLY B 372 8.97 27.16 -17.71
N GLY B 373 10.01 27.81 -18.23
CA GLY B 373 11.23 28.06 -17.47
C GLY B 373 11.93 26.78 -17.07
N HIS B 374 12.09 25.87 -18.02
CA HIS B 374 12.71 24.58 -17.78
C HIS B 374 14.15 24.72 -17.25
N VAL B 375 14.99 25.36 -18.07
CA VAL B 375 16.41 25.51 -17.76
C VAL B 375 16.71 26.24 -16.44
N PRO B 376 16.13 27.44 -16.22
CA PRO B 376 16.48 28.11 -14.97
C PRO B 376 16.01 27.34 -13.73
N THR B 377 14.87 26.67 -13.85
CA THR B 377 14.35 25.85 -12.76
C THR B 377 15.31 24.71 -12.45
N VAL B 378 15.64 23.91 -13.47
CA VAL B 378 16.53 22.78 -13.29
C VAL B 378 17.88 23.21 -12.71
N ILE B 379 18.43 24.31 -13.23
CA ILE B 379 19.69 24.85 -12.74
C ILE B 379 19.60 25.23 -11.27
N ASN B 380 18.60 26.05 -10.92
CA ASN B 380 18.44 26.52 -9.55
C ASN B 380 18.25 25.37 -8.56
N ILE B 381 17.44 24.39 -8.93
CA ILE B 381 17.22 23.23 -8.08
C ILE B 381 18.50 22.41 -7.90
N THR B 382 19.22 22.22 -9.00
CA THR B 382 20.49 21.48 -8.95
C THR B 382 21.50 22.17 -8.03
N ALA B 383 21.66 23.48 -8.20
CA ALA B 383 22.56 24.26 -7.37
C ALA B 383 22.17 24.20 -5.90
N THR B 384 20.87 24.34 -5.65
CA THR B 384 20.34 24.28 -4.29
C THR B 384 20.64 22.93 -3.63
N MET B 385 20.43 21.86 -4.37
CA MET B 385 20.72 20.52 -3.88
C MET B 385 22.21 20.33 -3.63
N ASP B 386 23.02 20.98 -4.48
CA ASP B 386 24.47 20.96 -4.30
C ASP B 386 24.87 21.68 -3.02
N MET B 387 24.12 22.72 -2.67
CA MET B 387 24.41 23.51 -1.48
C MET B 387 24.12 22.75 -0.19
N GLU B 388 23.09 21.91 -0.21
CA GLU B 388 22.64 21.20 0.98
C GLU B 388 23.70 20.23 1.51
N THR B 389 24.09 20.41 2.76
CA THR B 389 25.07 19.54 3.41
C THR B 389 24.51 18.94 4.70
N GLU B 390 23.42 19.53 5.19
CA GLU B 390 22.83 19.11 6.45
C GLU B 390 21.92 17.90 6.27
N ARG B 391 21.33 17.78 5.09
CA ARG B 391 20.38 16.70 4.81
C ARG B 391 20.74 15.93 3.54
N ILE B 392 21.39 14.78 3.72
CA ILE B 392 21.79 13.95 2.60
C ILE B 392 21.05 12.62 2.64
N TYR B 393 20.55 12.18 1.49
CA TYR B 393 19.81 10.92 1.41
C TYR B 393 20.68 9.72 1.75
N ASP B 394 20.08 8.77 2.45
CA ASP B 394 20.75 7.51 2.78
C ASP B 394 19.70 6.42 2.98
N ALA B 395 20.12 5.16 2.93
CA ALA B 395 19.21 4.04 3.10
C ALA B 395 19.95 2.76 3.46
N ASN B 396 19.20 1.72 3.82
CA ASN B 396 19.78 0.42 4.10
C ASN B 396 19.54 -0.54 2.94
N LEU B 397 20.60 -1.15 2.46
CA LEU B 397 20.51 -2.05 1.31
C LEU B 397 20.74 -3.51 1.71
N THR B 398 19.70 -4.31 1.60
CA THR B 398 19.79 -5.75 1.84
C THR B 398 20.52 -6.39 0.66
N TRP B 399 20.98 -7.63 0.82
CA TRP B 399 21.58 -8.34 -0.30
C TRP B 399 20.56 -8.56 -1.41
N ASP B 400 19.31 -8.80 -1.02
CA ASP B 400 18.25 -9.00 -1.98
C ASP B 400 18.07 -7.77 -2.87
N ASP B 401 18.28 -6.60 -2.28
CA ASP B 401 18.20 -5.34 -3.03
C ASP B 401 19.32 -5.25 -4.06
N ILE B 402 20.53 -5.59 -3.65
CA ILE B 402 21.70 -5.57 -4.53
C ILE B 402 21.53 -6.53 -5.69
N GLU B 403 21.23 -7.78 -5.36
CA GLU B 403 21.06 -8.84 -6.36
C GLU B 403 19.91 -8.50 -7.31
N TYR B 404 18.83 -7.92 -6.77
CA TYR B 404 17.72 -7.47 -7.60
C TYR B 404 18.17 -6.38 -8.56
N PHE B 405 18.94 -5.43 -8.06
CA PHE B 405 19.45 -4.33 -8.86
C PHE B 405 20.28 -4.84 -10.03
N PHE B 406 21.31 -5.62 -9.74
CA PHE B 406 22.18 -6.15 -10.78
C PHE B 406 21.44 -7.11 -11.70
N THR B 407 20.36 -7.71 -11.19
CA THR B 407 19.51 -8.56 -12.02
C THR B 407 18.77 -7.71 -13.06
N VAL B 408 18.28 -6.57 -12.62
CA VAL B 408 17.60 -5.64 -13.52
C VAL B 408 18.57 -5.09 -14.55
N VAL B 409 19.77 -4.74 -14.10
CA VAL B 409 20.81 -4.26 -15.01
C VAL B 409 21.14 -5.31 -16.06
N ARG B 410 21.27 -6.56 -15.61
CA ARG B 410 21.54 -7.69 -16.50
C ARG B 410 20.42 -7.89 -17.51
N GLN B 411 19.18 -7.69 -17.06
CA GLN B 411 18.01 -7.99 -17.88
C GLN B 411 17.70 -6.87 -18.88
N LYS B 412 18.07 -5.64 -18.55
CA LYS B 412 17.64 -4.49 -19.33
C LYS B 412 18.77 -3.77 -20.07
N PHE B 413 20.01 -4.19 -19.84
CA PHE B 413 21.14 -3.52 -20.50
C PHE B 413 22.15 -4.52 -21.06
N PHE B 414 23.10 -4.00 -21.84
CA PHE B 414 24.13 -4.80 -22.52
C PHE B 414 23.53 -5.79 -23.52
N ARG B 415 24.40 -6.42 -24.31
CA ARG B 415 23.98 -7.42 -25.28
C ARG B 415 24.68 -8.75 -25.02
N PRO B 416 24.09 -9.86 -25.50
CA PRO B 416 24.75 -11.16 -25.40
C PRO B 416 26.14 -11.15 -26.04
N GLY B 417 27.17 -11.38 -25.24
CA GLY B 417 28.54 -11.34 -25.72
C GLY B 417 29.34 -10.27 -25.03
N ALA B 418 28.66 -9.24 -24.54
CA ALA B 418 29.31 -8.16 -23.82
C ALA B 418 29.90 -8.69 -22.52
N ILE B 419 29.07 -9.36 -21.74
CA ILE B 419 29.53 -10.01 -20.51
C ILE B 419 29.07 -11.47 -20.49
N SER B 420 30.02 -12.39 -20.43
CA SER B 420 29.71 -13.82 -20.45
C SER B 420 29.15 -14.26 -19.10
N ASP B 421 28.43 -15.38 -19.12
CA ASP B 421 27.81 -15.93 -17.90
C ASP B 421 28.84 -16.16 -16.80
N GLU B 422 30.01 -16.67 -17.19
CA GLU B 422 31.09 -16.93 -16.25
C GLU B 422 31.65 -15.63 -15.67
N GLU B 423 31.89 -14.67 -16.54
CA GLU B 423 32.38 -13.36 -16.13
C GLU B 423 31.38 -12.68 -15.20
N TRP B 424 30.11 -12.81 -15.54
CA TRP B 424 29.03 -12.21 -14.75
C TRP B 424 28.93 -12.86 -13.37
N ASN B 425 29.03 -14.19 -13.33
CA ASN B 425 28.97 -14.92 -12.07
C ASN B 425 30.18 -14.61 -11.17
N ALA B 426 31.34 -14.46 -11.79
CA ALA B 426 32.54 -14.07 -11.06
C ALA B 426 32.35 -12.67 -10.47
N MET B 427 31.82 -11.77 -11.29
CA MET B 427 31.48 -10.44 -10.85
C MET B 427 30.54 -10.48 -9.66
N MET B 428 29.57 -11.38 -9.71
CA MET B 428 28.59 -11.51 -8.64
C MET B 428 29.19 -12.11 -7.37
N ARG B 429 30.23 -12.91 -7.53
CA ARG B 429 30.94 -13.43 -6.35
C ARG B 429 31.76 -12.31 -5.70
N ASP B 430 32.37 -11.48 -6.53
CA ASP B 430 33.09 -10.32 -6.03
C ASP B 430 32.16 -9.33 -5.33
N VAL B 431 30.97 -9.16 -5.91
CA VAL B 431 29.96 -8.27 -5.35
C VAL B 431 29.43 -8.83 -4.04
N LYS B 432 29.26 -10.15 -4.00
CA LYS B 432 28.80 -10.84 -2.80
C LYS B 432 29.79 -10.64 -1.66
N ARG B 433 31.06 -10.94 -1.95
CA ARG B 433 32.11 -10.80 -0.94
C ARG B 433 32.24 -9.35 -0.48
N ALA B 434 32.24 -8.42 -1.42
CA ALA B 434 32.33 -7.00 -1.10
C ALA B 434 31.17 -6.57 -0.22
N TYR B 435 29.99 -7.11 -0.52
CA TYR B 435 28.79 -6.82 0.27
C TYR B 435 28.95 -7.30 1.70
N ASP B 436 29.28 -8.57 1.87
CA ASP B 436 29.44 -9.16 3.20
C ASP B 436 30.53 -8.45 4.01
N LEU B 437 31.61 -8.07 3.33
CA LEU B 437 32.72 -7.39 4.00
C LEU B 437 32.34 -5.96 4.40
N LEU B 438 31.53 -5.31 3.56
CA LEU B 438 31.15 -3.92 3.81
C LEU B 438 30.00 -3.79 4.81
N SER B 439 29.26 -4.89 5.00
CA SER B 439 28.11 -4.87 5.89
C SER B 439 28.51 -4.97 7.37
N GLN B 440 29.79 -5.22 7.61
CA GLN B 440 30.30 -5.39 8.97
C GLN B 440 30.21 -4.09 9.78
N HIS B 441 30.30 -2.97 9.08
CA HIS B 441 30.25 -1.66 9.74
C HIS B 441 28.83 -1.31 10.17
N TRP B 442 27.85 -2.07 9.69
CA TRP B 442 26.45 -1.77 9.96
C TRP B 442 25.74 -2.91 10.68
N GLY B 443 26.45 -4.02 10.90
CA GLY B 443 25.88 -5.14 11.63
C GLY B 443 25.60 -6.37 10.78
N GLY B 444 26.05 -6.35 9.53
CA GLY B 444 25.92 -7.50 8.66
C GLY B 444 24.55 -7.69 8.03
N ASP B 445 23.56 -6.97 8.55
CA ASP B 445 22.19 -7.10 8.05
C ASP B 445 21.98 -6.27 6.79
N HIS B 446 22.73 -5.19 6.66
CA HIS B 446 22.58 -4.29 5.52
C HIS B 446 23.84 -3.48 5.26
N ILE B 447 23.90 -2.84 4.09
CA ILE B 447 24.95 -1.89 3.77
C ILE B 447 24.35 -0.51 3.54
N SER B 448 25.19 0.51 3.59
CA SER B 448 24.73 1.87 3.37
C SER B 448 24.72 2.21 1.88
N TYR B 449 23.67 2.91 1.44
CA TYR B 449 23.61 3.40 0.07
C TYR B 449 24.74 4.39 -0.17
N ARG B 450 24.64 5.53 0.51
CA ARG B 450 25.58 6.64 0.39
C ARG B 450 27.04 6.23 0.51
N TYR B 451 27.35 5.45 1.55
CA TYR B 451 28.75 5.16 1.87
C TYR B 451 29.32 3.97 1.11
N ASP B 452 28.48 2.99 0.79
CA ASP B 452 28.99 1.72 0.25
C ASP B 452 28.65 1.46 -1.22
N PHE B 453 27.49 1.91 -1.68
CA PHE B 453 26.99 1.45 -2.96
C PHE B 453 27.87 1.88 -4.14
N LEU B 454 28.54 3.01 -4.03
CA LEU B 454 29.48 3.43 -5.06
C LEU B 454 30.61 2.42 -5.18
N THR B 455 31.15 2.04 -4.03
CA THR B 455 32.24 1.07 -3.97
C THR B 455 31.79 -0.28 -4.54
N ILE B 456 30.57 -0.68 -4.18
CA ILE B 456 29.97 -1.89 -4.73
C ILE B 456 29.92 -1.83 -6.25
N LEU B 457 29.45 -0.68 -6.75
CA LEU B 457 29.38 -0.44 -8.19
C LEU B 457 30.75 -0.60 -8.85
N ARG B 458 31.77 0.02 -8.27
CA ARG B 458 33.11 -0.05 -8.82
C ARG B 458 33.63 -1.49 -8.86
N VAL B 459 33.42 -2.21 -7.75
CA VAL B 459 33.80 -3.62 -7.68
C VAL B 459 33.13 -4.41 -8.80
N ALA B 460 31.85 -4.14 -9.03
CA ALA B 460 31.12 -4.83 -10.10
C ALA B 460 31.63 -4.45 -11.49
N MET B 461 32.02 -3.19 -11.65
CA MET B 461 32.45 -2.68 -12.96
C MET B 461 33.88 -3.07 -13.27
N LYS B 462 34.59 -3.58 -12.27
CA LYS B 462 35.91 -4.15 -12.51
C LYS B 462 35.82 -5.37 -13.43
N HIS B 463 34.60 -5.88 -13.60
CA HIS B 463 34.34 -6.98 -14.51
C HIS B 463 33.64 -6.51 -15.77
N TRP B 464 33.32 -5.22 -15.82
CA TRP B 464 32.65 -4.64 -16.98
C TRP B 464 33.63 -4.38 -18.12
N PRO B 465 33.20 -4.62 -19.36
CA PRO B 465 34.00 -4.41 -20.58
C PRO B 465 34.59 -3.00 -20.66
N GLU B 466 35.86 -2.92 -21.06
CA GLU B 466 36.52 -1.63 -21.25
C GLU B 466 36.60 -1.26 -22.73
N PRO B 467 36.40 0.02 -23.05
CA PRO B 467 36.06 1.10 -22.10
C PRO B 467 34.60 1.01 -21.64
N HIS B 468 34.35 1.49 -20.43
CA HIS B 468 33.02 1.39 -19.83
C HIS B 468 31.98 2.19 -20.59
N ILE B 469 32.36 3.40 -21.01
CA ILE B 469 31.48 4.24 -21.81
C ILE B 469 31.70 4.00 -23.30
N PRO B 470 30.72 3.34 -23.95
CA PRO B 470 30.84 2.97 -25.36
C PRO B 470 30.59 4.15 -26.29
N ARG B 471 31.12 4.07 -27.50
CA ARG B 471 30.90 5.10 -28.50
C ARG B 471 29.48 5.04 -29.05
N PRO B 472 28.84 6.21 -29.23
CA PRO B 472 27.62 6.23 -30.02
C PRO B 472 27.94 5.89 -31.46
N THR B 473 27.13 5.06 -32.10
CA THR B 473 27.43 4.60 -33.45
C THR B 473 26.17 4.21 -34.20
N GLY B 474 26.34 3.78 -35.45
CA GLY B 474 25.22 3.37 -36.26
C GLY B 474 24.91 4.33 -37.40
N ASP B 475 23.97 3.93 -38.25
CA ASP B 475 23.60 4.73 -39.43
C ASP B 475 22.99 6.07 -39.03
N ASP B 476 22.00 6.03 -38.15
CA ASP B 476 21.36 7.24 -37.63
C ASP B 476 22.41 8.20 -37.07
N TRP B 477 23.27 7.68 -36.20
CA TRP B 477 24.31 8.49 -35.59
C TRP B 477 25.25 9.07 -36.64
N TYR B 478 25.59 8.28 -37.64
CA TYR B 478 26.48 8.74 -38.69
C TYR B 478 25.87 9.92 -39.42
N TYR B 479 24.63 9.75 -39.89
CA TYR B 479 23.95 10.82 -40.62
C TYR B 479 23.77 12.08 -39.77
N HIS B 480 23.22 11.92 -38.58
CA HIS B 480 22.91 13.07 -37.73
C HIS B 480 24.16 13.81 -37.25
N ALA B 481 25.19 13.06 -36.86
CA ALA B 481 26.41 13.68 -36.36
C ALA B 481 27.25 14.30 -37.48
N ARG B 482 27.21 13.68 -38.65
CA ARG B 482 27.99 14.20 -39.79
C ARG B 482 27.42 15.54 -40.27
N ASN B 483 26.10 15.66 -40.21
CA ASN B 483 25.42 16.86 -40.67
C ASN B 483 25.02 17.80 -39.54
N TYR B 484 25.72 17.68 -38.41
CA TYR B 484 25.40 18.48 -37.24
C TYR B 484 26.25 19.74 -37.18
N ASN B 485 25.60 20.90 -37.21
CA ASN B 485 26.30 22.18 -37.19
C ASN B 485 25.78 23.11 -36.10
N PRO B 486 26.29 22.93 -34.87
CA PRO B 486 25.90 23.74 -33.72
C PRO B 486 26.62 25.09 -33.69
C1 NAG C . -0.34 -3.57 26.91
C2 NAG C . -1.53 -3.82 27.80
C3 NAG C . -2.33 -4.98 27.34
C4 NAG C . -2.49 -5.17 25.85
C5 NAG C . -1.41 -4.56 24.96
C6 NAG C . -2.01 -4.23 23.62
C7 NAG C . -1.58 -3.27 30.26
C8 NAG C . -1.07 -3.53 31.70
N2 NAG C . -1.06 -4.06 29.15
O1 NAG C . 0.29 -2.43 27.36
O3 NAG C . -3.69 -4.85 27.91
O4 NAG C . -2.43 -6.59 25.63
O5 NAG C . -0.78 -3.35 25.51
O6 NAG C . -1.48 -5.08 22.61
O7 NAG C . -2.43 -2.44 30.06
C1 NAG C . -3.70 -7.13 25.25
C2 NAG C . -3.43 -8.46 24.61
C3 NAG C . -4.62 -9.33 24.49
C4 NAG C . -5.32 -9.48 25.80
C5 NAG C . -5.74 -8.12 26.30
C6 NAG C . -6.41 -8.26 27.62
C7 NAG C . -1.81 -9.14 22.82
C8 NAG C . -1.23 -8.89 21.42
N2 NAG C . -2.85 -8.27 23.30
O3 NAG C . -4.21 -10.63 24.02
O4 NAG C . -6.47 -10.35 25.67
O5 NAG C . -4.57 -7.21 26.45
O6 NAG C . -6.76 -6.97 28.13
O7 NAG C . -1.39 -10.04 23.53
C1 NAG C . -7.07 -11.50 26.18
C2 NAG C . -7.18 -12.43 27.35
C3 NAG C . -8.12 -13.55 27.09
C4 NAG C . -9.47 -13.10 26.61
C5 NAG C . -9.36 -12.09 25.47
C6 NAG C . -10.69 -11.51 25.21
C7 NAG C . -5.05 -12.38 28.78
C8 NAG C . -3.65 -12.94 29.15
N2 NAG C . -5.83 -12.98 27.69
O3 NAG C . -8.26 -14.31 28.31
O4 NAG C . -10.23 -14.25 26.13
O5 NAG C . -8.42 -11.00 25.76
O6 NAG C . -11.03 -10.59 26.26
O7 NAG C . -5.51 -11.45 29.40
C1 NAG C . -11.22 -14.63 27.05
C2 NAG C . -12.28 -15.39 26.30
C3 NAG C . -13.16 -16.26 27.14
C4 NAG C . -12.44 -17.03 28.19
C5 NAG C . -11.53 -16.12 29.00
C6 NAG C . -10.78 -16.90 30.00
C7 NAG C . -13.09 -14.28 24.18
C8 NAG C . -13.99 -13.26 23.48
N2 NAG C . -13.14 -14.42 25.62
O3 NAG C . -13.84 -17.19 26.26
O4 NAG C . -13.42 -17.65 29.06
O5 NAG C . -10.57 -15.43 28.14
O6 NAG C . -10.22 -18.07 29.38
O7 NAG C . -12.32 -14.98 23.52
C1 NAG C . -13.31 -19.05 29.00
C2 NAG C . -14.19 -19.65 30.05
C3 NAG C . -14.18 -21.14 29.98
C4 NAG C . -14.49 -21.66 28.61
C5 NAG C . -13.63 -21.02 27.56
C6 NAG C . -14.08 -21.49 26.19
C7 NAG C . -14.64 -18.67 32.32
C8 NAG C . -14.14 -18.22 33.71
N2 NAG C . -13.71 -19.23 31.36
O3 NAG C . -15.17 -21.64 30.91
O4 NAG C . -14.28 -23.08 28.58
O5 NAG C . -13.67 -19.55 27.62
O6 NAG C . -15.09 -20.64 25.72
O7 NAG C . -15.85 -18.55 32.02
C1 NAG D . 3.10 22.68 -14.44
C2 NAG D . 4.33 23.09 -15.22
C3 NAG D . 4.66 22.09 -16.27
C4 NAG D . 4.61 20.64 -15.85
C5 NAG D . 3.57 20.29 -14.80
C6 NAG D . 3.99 19.04 -14.08
C7 NAG D . 4.94 25.51 -15.48
C8 NAG D . 4.69 26.88 -16.13
N2 NAG D . 4.10 24.38 -15.83
O1 NAG D . 2.85 23.61 -13.47
O3 NAG D . 6.03 22.37 -16.74
O4 NAG D . 4.29 19.88 -17.03
O5 NAG D . 3.34 21.35 -13.79
O6 NAG D . 3.04 18.01 -14.30
O7 NAG D . 5.84 25.37 -14.68
C1 NAG D . 5.41 19.15 -17.51
C2 NAG D . 4.88 18.07 -18.42
C3 NAG D . 5.85 17.52 -19.40
C4 NAG D . 6.64 18.56 -20.09
C5 NAG D . 7.32 19.45 -19.09
C6 NAG D . 8.10 20.50 -19.81
C7 NAG D . 3.31 16.18 -17.94
C8 NAG D . 2.88 15.01 -17.05
N2 NAG D . 4.45 16.96 -17.57
O3 NAG D . 5.13 16.75 -20.39
O4 NAG D . 7.63 17.92 -20.94
O5 NAG D . 6.33 20.11 -18.21
O6 NAG D . 8.45 21.53 -18.90
O7 NAG D . 2.68 16.45 -18.96
C1 NAG D . 8.09 17.65 -22.23
C2 NAG D . 8.02 18.25 -23.60
C3 NAG D . 8.66 17.37 -24.61
C4 NAG D . 10.08 17.02 -24.24
C5 NAG D . 10.19 16.48 -22.81
C6 NAG D . 11.61 16.38 -22.43
C7 NAG D . 6.11 19.80 -24.27
C8 NAG D . 4.62 20.03 -24.67
N2 NAG D . 6.59 18.45 -23.98
O3 NAG D . 8.65 18.05 -25.88
O4 NAG D . 10.56 15.99 -25.17
O5 NAG D . 9.52 17.34 -21.84
O6 NAG D . 11.93 17.43 -21.51
O7 NAG D . 6.87 20.74 -24.20
C1 NAG D . 11.53 16.50 -26.04
C2 NAG D . 12.33 15.34 -26.58
C3 NAG D . 13.12 15.66 -27.80
C4 NAG D . 12.34 16.40 -28.83
C5 NAG D . 11.71 17.64 -28.23
C6 NAG D . 10.90 18.36 -29.24
C7 NAG D . 12.96 13.72 -24.76
C8 NAG D . 13.94 13.27 -23.67
N2 NAG D . 13.25 14.92 -25.54
O3 NAG D . 13.59 14.42 -28.38
O4 NAG D . 13.24 16.77 -29.91
O5 NAG D . 10.82 17.30 -27.11
O6 NAG D . 9.85 17.49 -29.72
O7 NAG D . 11.95 13.07 -25.00
C1 NAG D . 12.85 16.17 -31.11
C2 NAG D . 13.61 16.78 -32.24
C3 NAG D . 13.31 16.11 -33.54
C4 NAG D . 13.53 14.64 -33.48
C5 NAG D . 12.79 14.00 -32.32
C6 NAG D . 13.19 12.55 -32.23
C7 NAG D . 14.33 19.18 -32.23
C8 NAG D . 14.00 20.68 -32.33
N2 NAG D . 13.28 18.19 -32.32
O3 NAG D . 14.18 16.67 -34.55
O4 NAG D . 13.08 14.04 -34.70
O5 NAG D . 13.08 14.67 -31.04
O6 NAG D . 14.49 12.44 -31.68
O7 NAG D . 15.52 18.80 -32.07
C1 GOL E . -7.04 -20.30 22.26
O1 GOL E . -8.25 -20.94 22.54
C2 GOL E . -7.23 -19.30 21.11
O2 GOL E . -6.61 -18.07 21.45
C3 GOL E . -6.62 -19.85 19.84
O3 GOL E . -6.88 -18.95 18.77
C1 GOL F . -6.66 18.26 17.86
O1 GOL F . -7.95 18.30 18.43
C2 GOL F . -5.62 18.08 18.96
O2 GOL F . -6.23 17.51 20.09
C3 GOL F . -4.51 17.16 18.46
O3 GOL F . -5.04 15.87 18.22
C1 GOL G . -15.10 -1.17 -3.16
O1 GOL G . -16.07 -0.78 -2.21
C2 GOL G . -15.10 -2.68 -3.30
O2 GOL G . -14.87 -3.03 -4.65
C3 GOL G . -13.98 -3.27 -2.44
O3 GOL G . -13.95 -4.67 -2.61
C1 GOL H . -35.19 -36.13 23.21
O1 GOL H . -35.54 -36.60 24.49
C2 GOL H . -35.89 -36.99 22.15
O2 GOL H . -36.99 -37.64 22.73
C3 GOL H . -34.91 -38.03 21.62
O3 GOL H . -35.56 -38.85 20.68
P PO4 I . -60.19 -20.65 32.66
O1 PO4 I . -59.14 -19.87 33.43
O2 PO4 I . -60.05 -22.13 32.97
O3 PO4 I . -61.57 -20.18 33.07
O4 PO4 I . -60.00 -20.44 31.18
P PO4 J . -26.15 -9.36 -4.53
O1 PO4 J . -26.27 -7.86 -4.38
O2 PO4 J . -25.45 -9.93 -3.32
O3 PO4 J . -27.53 -9.97 -4.64
O4 PO4 J . -25.36 -9.66 -5.77
P PO4 K . -18.05 -0.22 -11.22
O1 PO4 K . -17.35 0.55 -10.12
O2 PO4 K . -19.16 0.64 -11.79
O3 PO4 K . -18.65 -1.48 -10.64
O4 PO4 K . -17.07 -0.57 -12.30
C1 GOL L . 5.33 8.77 -26.07
O1 GOL L . 4.45 7.78 -26.57
C2 GOL L . 5.21 10.04 -26.91
O2 GOL L . 5.37 11.16 -26.06
C3 GOL L . 6.31 10.04 -27.98
O3 GOL L . 6.25 11.25 -28.71
C1 GOL M . 36.49 -0.91 -29.35
O1 GOL M . 37.31 -0.54 -30.45
C2 GOL M . 36.92 -0.14 -28.12
O2 GOL M . 37.38 -1.04 -27.13
C3 GOL M . 38.02 0.85 -28.46
O3 GOL M . 38.32 1.64 -27.34
C1 GOL N . 16.63 -14.18 3.26
O1 GOL N . 17.84 -13.52 3.54
C2 GOL N . 16.15 -13.82 1.86
O2 GOL N . 17.24 -13.33 1.11
C3 GOL N . 15.57 -15.04 1.18
O3 GOL N . 15.18 -14.72 -0.13
P PO4 O . 22.68 -13.64 -10.40
O1 PO4 O . 23.44 -13.25 -9.16
O2 PO4 O . 22.21 -12.38 -11.11
O3 PO4 O . 21.48 -14.46 -10.00
O4 PO4 O . 23.57 -14.44 -11.31
P PO4 P . -1.65 9.67 -12.72
O1 PO4 P . -0.79 9.79 -11.49
O2 PO4 P . -2.57 10.87 -12.82
O3 PO4 P . -2.48 8.41 -12.61
O4 PO4 P . -0.78 9.59 -13.94
P PO4 Q . 20.97 16.94 -37.87
O1 PO4 Q . 20.25 18.20 -38.25
O2 PO4 Q . 22.46 17.19 -37.85
O3 PO4 Q . 20.52 16.50 -36.49
O4 PO4 Q . 20.66 15.85 -38.87
P PO4 R . 38.79 -0.15 -37.71
O1 PO4 R . 39.64 1.08 -37.46
O2 PO4 R . 37.45 0.26 -38.27
O3 PO4 R . 38.60 -0.89 -36.40
O4 PO4 R . 39.50 -1.05 -38.70
#